data_2G22
#
_entry.id   2G22
#
_cell.length_a   141.583
_cell.length_b   141.583
_cell.length_c   141.583
_cell.angle_alpha   90.00
_cell.angle_beta   90.00
_cell.angle_gamma   90.00
#
_symmetry.space_group_name_H-M   'P 21 3'
#
loop_
_entity.id
_entity.type
_entity.pdbx_description
1 polymer Renin
2 non-polymer 2-acetamido-2-deoxy-beta-D-glucopyranose
3 non-polymer 6-ETHYL-5-[1-(3-METHOXYPROPYL)-1,2,3,4-TETRAHYDROQUINOLIN-7-YL]-N~4~-(2-PHENYLETHYL)PYRIMIDINE-2,4-DIAMINE
4 water water
#
_entity_poly.entity_id   1
_entity_poly.type   'polypeptide(L)'
_entity_poly.pdbx_seq_one_letter_code
;SSVILTNYMDTQYYGEIGIGTPPQTFKVVFDTGSSNVWVPSSKCSRLYTACVYHKLFDASDSSSYKHNGTELTLRYSTGT
VSGFLSQDIITVGGITVTQMFGEVTEMPALPFMLAEFDGVVGMGFIEQAIGRVTPIFDNIISQGVLKEDVFSFYYNRDSE
NSQSLGGQIVLGGSDPQHYEGNFHYINLIKTGVWQIQMKGVSVGSSTLLCEDGCLALVDTGASYISGSTSSIEKLMEALG
AKKRLFDYVVKCNEGPTLPDISFHLGGKEYTLTSADYVFQESYSSKKLCTLAIHAMDIPPPTGPTWALGATFIRKFYTEF
DRRNNRIGFALAR
;
_entity_poly.pdbx_strand_id   A,B
#
loop_
_chem_comp.id
_chem_comp.type
_chem_comp.name
_chem_comp.formula
6IG non-polymer 6-ETHYL-5-[1-(3-METHOXYPROPYL)-1,2,3,4-TETRAHYDROQUINOLIN-7-YL]-N~4~-(2-PHENYLETHYL)PYRIMIDINE-2,4-DIAMINE 'C27 H35 N5 O'
NAG D-saccharide, beta linking 2-acetamido-2-deoxy-beta-D-glucopyranose 'C8 H15 N O6'
#
# COMPACT_ATOMS: atom_id res chain seq x y z
N SER A 1 -24.79 11.36 28.05
CA SER A 1 -23.99 11.82 26.92
C SER A 1 -23.15 10.70 26.38
N SER A 2 -22.87 10.76 25.09
CA SER A 2 -22.05 9.74 24.47
C SER A 2 -20.97 10.42 23.65
N VAL A 3 -19.82 9.77 23.57
CA VAL A 3 -18.69 10.31 22.82
C VAL A 3 -18.28 9.29 21.78
N ILE A 4 -18.25 9.70 20.52
CA ILE A 4 -17.84 8.79 19.45
C ILE A 4 -16.33 8.56 19.53
N LEU A 5 -15.92 7.29 19.44
CA LEU A 5 -14.51 6.96 19.50
C LEU A 5 -13.94 6.51 18.13
N THR A 6 -12.67 6.80 17.92
CA THR A 6 -11.99 6.39 16.69
C THR A 6 -11.12 5.18 17.05
N ASN A 7 -11.13 4.18 16.17
CA ASN A 7 -10.34 2.98 16.40
C ASN A 7 -9.14 2.95 15.47
N TYR A 8 -7.95 3.09 16.06
CA TYR A 8 -6.71 3.07 15.29
C TYR A 8 -6.01 1.70 15.40
N MET A 9 -5.96 0.99 14.28
CA MET A 9 -5.31 -0.33 14.21
C MET A 9 -5.67 -1.31 15.31
N ASP A 10 -6.84 -1.16 15.93
CA ASP A 10 -7.27 -2.08 16.98
C ASP A 10 -6.42 -1.99 18.26
N THR A 11 -5.50 -1.03 18.32
CA THR A 11 -4.65 -0.91 19.50
C THR A 11 -4.83 0.40 20.25
N GLN A 12 -5.52 1.35 19.62
CA GLN A 12 -5.77 2.65 20.26
C GLN A 12 -7.19 3.12 20.00
N TYR A 13 -7.90 3.46 21.07
CA TYR A 13 -9.27 3.97 20.96
C TYR A 13 -9.30 5.34 21.64
N TYR A 14 -9.69 6.37 20.90
CA TYR A 14 -9.75 7.71 21.47
C TYR A 14 -10.91 8.53 20.92
N GLY A 15 -11.34 9.51 21.71
CA GLY A 15 -12.43 10.39 21.35
C GLY A 15 -11.99 11.82 21.53
N GLU A 16 -12.87 12.78 21.27
CA GLU A 16 -12.50 14.19 21.41
C GLU A 16 -13.06 14.92 22.61
N ILE A 17 -12.31 15.92 23.08
CA ILE A 17 -12.72 16.76 24.19
C ILE A 17 -12.27 18.19 23.85
N GLY A 18 -12.86 19.18 24.53
CA GLY A 18 -12.50 20.57 24.29
C GLY A 18 -12.04 21.23 25.57
N ILE A 19 -10.94 21.96 25.50
CA ILE A 19 -10.42 22.62 26.69
C ILE A 19 -10.27 24.12 26.50
N GLY A 20 -10.67 24.89 27.52
CA GLY A 20 -10.53 26.34 27.45
C GLY A 20 -11.55 27.10 26.61
N THR A 21 -11.39 28.41 26.62
CA THR A 21 -12.25 29.31 25.89
C THR A 21 -11.39 30.23 25.02
N PRO A 22 -11.52 30.15 23.69
CA PRO A 22 -12.43 29.24 22.96
C PRO A 22 -11.93 27.80 23.14
N PRO A 23 -12.75 26.82 22.76
CA PRO A 23 -12.32 25.44 22.92
C PRO A 23 -11.09 25.08 22.09
N GLN A 24 -10.15 24.39 22.74
CA GLN A 24 -8.95 23.89 22.07
C GLN A 24 -9.22 22.40 22.07
N THR A 25 -9.27 21.82 20.88
CA THR A 25 -9.56 20.41 20.68
C THR A 25 -8.37 19.45 20.92
N PHE A 26 -8.66 18.25 21.43
CA PHE A 26 -7.63 17.22 21.72
C PHE A 26 -8.18 15.81 21.55
N LYS A 27 -7.36 14.89 21.06
CA LYS A 27 -7.75 13.48 20.94
C LYS A 27 -7.28 12.85 22.26
N VAL A 28 -8.18 12.14 22.96
CA VAL A 28 -7.81 11.53 24.24
C VAL A 28 -8.36 10.11 24.47
N VAL A 29 -7.63 9.30 25.24
CA VAL A 29 -8.06 7.95 25.56
C VAL A 29 -8.80 7.93 26.91
N PHE A 30 -10.02 7.43 26.91
CA PHE A 30 -10.76 7.35 28.18
C PHE A 30 -10.24 6.07 28.78
N ASP A 31 -9.49 6.27 29.87
CA ASP A 31 -8.76 5.23 30.56
C ASP A 31 -9.21 4.88 31.98
N THR A 32 -9.75 3.68 32.16
CA THR A 32 -10.18 3.25 33.48
C THR A 32 -8.98 2.80 34.30
N GLY A 33 -7.81 2.79 33.66
CA GLY A 33 -6.61 2.38 34.35
C GLY A 33 -5.85 3.51 35.02
N SER A 34 -6.35 4.73 34.90
CA SER A 34 -5.71 5.88 35.54
C SER A 34 -6.80 6.84 36.03
N SER A 35 -6.42 7.86 36.78
CA SER A 35 -7.41 8.79 37.33
C SER A 35 -7.14 10.27 37.07
N ASN A 36 -6.10 10.58 36.32
CA ASN A 36 -5.80 11.97 36.03
C ASN A 36 -6.10 12.33 34.58
N VAL A 37 -6.18 13.63 34.31
CA VAL A 37 -6.40 14.13 32.97
C VAL A 37 -5.15 14.90 32.55
N TRP A 38 -4.73 14.74 31.30
CA TRP A 38 -3.58 15.49 30.80
C TRP A 38 -3.57 15.56 29.29
N VAL A 39 -2.99 16.64 28.77
CA VAL A 39 -2.83 16.85 27.35
C VAL A 39 -1.48 17.53 27.21
N PRO A 40 -0.88 17.51 26.02
CA PRO A 40 0.43 18.15 25.81
C PRO A 40 0.37 19.65 26.03
N SER A 41 1.43 20.21 26.60
CA SER A 41 1.49 21.64 26.86
C SER A 41 2.26 22.46 25.81
N SER A 42 1.81 23.68 25.58
CA SER A 42 2.49 24.55 24.63
C SER A 42 3.87 24.84 25.25
N LYS A 43 4.00 24.55 26.54
CA LYS A 43 5.25 24.79 27.23
C LYS A 43 6.18 23.57 27.16
N CYS A 44 5.83 22.60 26.32
CA CYS A 44 6.67 21.41 26.18
C CYS A 44 7.77 21.71 25.19
N SER A 45 9.01 21.61 25.64
CA SER A 45 10.17 21.86 24.78
C SER A 45 10.04 21.12 23.45
N ARG A 46 10.29 21.81 22.35
CA ARG A 46 10.18 21.18 21.05
C ARG A 46 11.27 20.12 20.86
N LEU A 47 12.18 20.02 21.83
CA LEU A 47 13.24 19.03 21.79
C LEU A 47 12.58 17.66 21.97
N TYR A 48 11.37 17.65 22.56
CA TYR A 48 10.57 16.43 22.72
C TYR A 48 9.78 16.35 21.41
N THR A 49 10.32 15.62 20.44
CA THR A 49 9.69 15.49 19.14
C THR A 49 8.24 15.08 19.25
N ALA A 50 7.89 14.37 20.32
CA ALA A 50 6.51 13.93 20.53
C ALA A 50 5.57 15.15 20.67
N CYS A 51 6.09 16.24 21.19
CA CYS A 51 5.27 17.45 21.34
C CYS A 51 5.15 18.17 20.02
N VAL A 52 6.08 17.90 19.12
CA VAL A 52 6.05 18.50 17.80
C VAL A 52 4.96 17.83 16.95
N TYR A 53 4.59 16.60 17.29
CA TYR A 53 3.57 15.82 16.57
C TYR A 53 2.17 15.71 17.21
N HIS A 54 1.88 16.53 18.21
CA HIS A 54 0.55 16.52 18.85
C HIS A 54 -0.03 17.90 19.11
N LYS A 55 -1.33 17.95 19.39
CA LYS A 55 -1.97 19.21 19.69
C LYS A 55 -1.50 19.69 21.07
N LEU A 56 -1.11 20.96 21.17
CA LEU A 56 -0.62 21.52 22.44
C LEU A 56 -1.60 22.52 23.04
N PHE A 57 -1.80 22.46 24.36
CA PHE A 57 -2.71 23.38 25.03
C PHE A 57 -2.01 24.67 25.39
N ASP A 58 -2.52 25.78 24.87
CA ASP A 58 -1.94 27.07 25.14
C ASP A 58 -2.83 27.84 26.10
N ALA A 59 -2.38 27.94 27.35
CA ALA A 59 -3.12 28.65 28.38
C ALA A 59 -3.39 30.10 27.98
N SER A 60 -2.40 30.77 27.41
CA SER A 60 -2.56 32.16 27.02
C SER A 60 -3.55 32.43 25.87
N ASP A 61 -4.31 31.42 25.46
CA ASP A 61 -5.30 31.60 24.41
C ASP A 61 -6.65 31.27 25.02
N SER A 62 -6.65 30.92 26.31
CA SER A 62 -7.88 30.58 27.02
C SER A 62 -8.23 31.65 28.06
N SER A 63 -9.40 32.25 27.93
CA SER A 63 -9.83 33.30 28.86
C SER A 63 -10.45 32.69 30.12
N SER A 64 -10.57 31.36 30.13
CA SER A 64 -11.15 30.65 31.28
C SER A 64 -10.08 29.91 32.09
N TYR A 65 -8.83 30.03 31.66
CA TYR A 65 -7.72 29.37 32.31
C TYR A 65 -7.51 29.84 33.74
N LYS A 66 -7.17 28.90 34.61
CA LYS A 66 -6.92 29.21 36.01
C LYS A 66 -5.62 28.53 36.40
N HIS A 67 -4.58 29.33 36.61
CA HIS A 67 -3.27 28.82 36.97
C HIS A 67 -3.19 28.05 38.29
N ASN A 68 -2.24 27.13 38.38
CA ASN A 68 -1.99 26.37 39.60
C ASN A 68 -0.50 26.10 39.70
N GLY A 69 0.05 25.45 38.69
CA GLY A 69 1.48 25.20 38.66
C GLY A 69 2.08 24.03 39.43
N THR A 70 1.27 23.29 40.20
CA THR A 70 1.81 22.16 40.95
C THR A 70 2.31 21.07 40.01
N GLU A 71 3.49 20.54 40.31
CA GLU A 71 4.06 19.50 39.47
C GLU A 71 3.53 18.09 39.71
N LEU A 72 3.51 17.32 38.65
CA LEU A 72 3.07 15.93 38.76
C LEU A 72 3.72 15.07 37.70
N THR A 73 3.82 13.78 38.02
CA THR A 73 4.40 12.81 37.11
C THR A 73 3.45 11.63 37.07
N LEU A 74 3.02 11.27 35.86
CA LEU A 74 2.11 10.15 35.69
C LEU A 74 2.90 8.98 35.12
N ARG A 75 2.75 7.82 35.75
CA ARG A 75 3.46 6.63 35.31
C ARG A 75 2.53 5.51 34.86
N TYR A 76 2.70 5.07 33.62
CA TYR A 76 1.91 3.97 33.10
C TYR A 76 2.92 2.85 32.98
N SER A 77 2.44 1.63 32.76
CA SER A 77 3.35 0.49 32.66
C SER A 77 4.28 0.54 31.45
N THR A 78 3.96 1.38 30.49
CA THR A 78 4.76 1.47 29.27
C THR A 78 5.37 2.83 28.97
N GLY A 79 5.22 3.77 29.90
CA GLY A 79 5.76 5.09 29.67
C GLY A 79 5.38 6.10 30.72
N THR A 80 6.11 7.22 30.74
CA THR A 80 5.87 8.27 31.71
C THR A 80 5.78 9.65 31.09
N VAL A 81 4.99 10.52 31.71
CA VAL A 81 4.82 11.90 31.27
C VAL A 81 4.94 12.79 32.50
N SER A 82 5.42 14.01 32.31
CA SER A 82 5.56 14.90 33.44
C SER A 82 5.20 16.35 33.09
N GLY A 83 4.71 17.09 34.08
CA GLY A 83 4.34 18.47 33.86
C GLY A 83 3.83 19.14 35.11
N PHE A 84 2.83 20.00 34.95
CA PHE A 84 2.25 20.72 36.08
C PHE A 84 0.74 20.81 35.90
N LEU A 85 0.04 21.09 37.00
CA LEU A 85 -1.41 21.20 37.01
C LEU A 85 -1.94 22.57 36.58
N SER A 86 -3.12 22.54 35.95
CA SER A 86 -3.83 23.73 35.47
C SER A 86 -5.33 23.43 35.52
N GLN A 87 -6.13 24.49 35.56
CA GLN A 87 -7.58 24.34 35.61
C GLN A 87 -8.23 25.11 34.45
N ASP A 88 -9.30 24.57 33.89
CA ASP A 88 -10.00 25.22 32.80
C ASP A 88 -11.28 24.43 32.50
N ILE A 89 -12.15 24.97 31.67
CA ILE A 89 -13.39 24.26 31.37
C ILE A 89 -13.21 23.23 30.26
N ILE A 90 -13.64 22.01 30.53
CA ILE A 90 -13.52 20.92 29.58
C ILE A 90 -14.87 20.46 29.08
N THR A 91 -14.94 20.19 27.78
CA THR A 91 -16.17 19.73 27.14
C THR A 91 -16.04 18.25 26.81
N VAL A 92 -17.02 17.46 27.25
CA VAL A 92 -17.04 16.02 27.00
C VAL A 92 -18.45 15.66 26.57
N GLY A 93 -18.65 15.49 25.28
CA GLY A 93 -19.97 15.13 24.75
C GLY A 93 -21.19 15.85 25.31
N GLY A 94 -21.23 17.17 25.17
CA GLY A 94 -22.39 17.91 25.67
C GLY A 94 -22.22 18.43 27.08
N ILE A 95 -21.53 17.68 27.93
CA ILE A 95 -21.28 18.07 29.30
C ILE A 95 -20.10 19.02 29.41
N THR A 96 -20.26 20.08 30.21
CA THR A 96 -19.22 21.08 30.43
C THR A 96 -18.89 21.12 31.92
N VAL A 97 -17.62 20.90 32.27
CA VAL A 97 -17.22 20.90 33.68
C VAL A 97 -15.86 21.55 33.90
N THR A 98 -15.74 22.29 35.00
CA THR A 98 -14.47 22.92 35.33
C THR A 98 -13.62 21.78 35.85
N GLN A 99 -12.41 21.65 35.32
CA GLN A 99 -11.55 20.54 35.71
C GLN A 99 -10.07 20.90 35.90
N MET A 100 -9.43 20.16 36.81
CA MET A 100 -8.01 20.33 37.07
C MET A 100 -7.33 19.27 36.19
N PHE A 101 -6.36 19.69 35.39
CA PHE A 101 -5.67 18.74 34.52
C PHE A 101 -4.17 18.98 34.45
N GLY A 102 -3.44 17.98 33.96
CA GLY A 102 -2.00 18.10 33.86
C GLY A 102 -1.59 18.66 32.51
N GLU A 103 -0.66 19.61 32.52
CA GLU A 103 -0.13 20.18 31.31
C GLU A 103 1.25 19.54 31.16
N VAL A 104 1.36 18.55 30.27
CA VAL A 104 2.63 17.86 30.07
C VAL A 104 3.71 18.62 29.31
N THR A 105 4.90 18.65 29.89
CA THR A 105 6.04 19.34 29.30
C THR A 105 7.19 18.38 28.98
N GLU A 106 7.02 17.12 29.37
CA GLU A 106 8.04 16.09 29.12
C GLU A 106 7.28 14.86 28.64
N MET A 107 7.43 14.58 27.35
CA MET A 107 6.71 13.48 26.72
C MET A 107 7.67 12.69 25.82
N PRO A 108 8.31 11.66 26.38
CA PRO A 108 9.27 10.80 25.68
C PRO A 108 8.87 10.23 24.32
N ALA A 109 9.83 10.32 23.38
CA ALA A 109 9.67 9.84 22.01
C ALA A 109 9.06 8.44 22.01
N LEU A 110 9.64 7.56 22.82
CA LEU A 110 9.10 6.21 22.95
C LEU A 110 8.40 6.23 24.30
N PRO A 111 7.09 5.93 24.31
CA PRO A 111 6.26 5.57 23.16
C PRO A 111 5.37 6.63 22.54
N PHE A 112 5.33 7.85 23.07
CA PHE A 112 4.37 8.83 22.55
C PHE A 112 4.40 9.28 21.10
N MET A 113 5.49 8.99 20.38
CA MET A 113 5.57 9.32 18.96
C MET A 113 4.69 8.29 18.23
N LEU A 114 4.41 7.18 18.91
CA LEU A 114 3.57 6.13 18.36
C LEU A 114 2.14 6.32 18.80
N ALA A 115 1.87 7.39 19.54
CA ALA A 115 0.51 7.67 20.01
C ALA A 115 -0.27 8.50 19.01
N GLU A 116 -1.45 8.00 18.65
CA GLU A 116 -2.32 8.72 17.74
C GLU A 116 -3.08 9.78 18.53
N PHE A 117 -3.27 9.52 19.82
CA PHE A 117 -3.97 10.47 20.68
C PHE A 117 -2.99 11.49 21.20
N ASP A 118 -3.50 12.54 21.81
CA ASP A 118 -2.65 13.59 22.37
C ASP A 118 -2.54 13.38 23.87
N GLY A 119 -3.67 13.18 24.52
CA GLY A 119 -3.67 13.00 25.96
C GLY A 119 -4.58 11.92 26.51
N VAL A 120 -4.81 11.99 27.82
CA VAL A 120 -5.62 11.00 28.49
C VAL A 120 -6.63 11.58 29.46
N VAL A 121 -7.74 10.86 29.60
CA VAL A 121 -8.78 11.25 30.53
C VAL A 121 -8.99 10.06 31.43
N GLY A 122 -8.46 10.13 32.65
CA GLY A 122 -8.60 9.04 33.58
C GLY A 122 -10.05 8.84 34.05
N MET A 123 -10.51 7.60 34.05
CA MET A 123 -11.86 7.27 34.48
C MET A 123 -11.80 6.44 35.76
N GLY A 124 -10.64 6.48 36.42
CA GLY A 124 -10.45 5.73 37.66
C GLY A 124 -10.92 6.50 38.89
N PHE A 125 -10.72 5.92 40.07
CA PHE A 125 -11.15 6.53 41.31
C PHE A 125 -10.16 7.58 41.85
N ILE A 126 -10.69 8.51 42.63
CA ILE A 126 -9.87 9.56 43.21
C ILE A 126 -8.80 8.96 44.13
N GLU A 127 -9.07 7.77 44.66
CA GLU A 127 -8.11 7.11 45.54
C GLU A 127 -6.79 6.88 44.80
N GLN A 128 -6.85 6.81 43.47
CA GLN A 128 -5.66 6.60 42.65
C GLN A 128 -5.17 7.85 41.91
N ALA A 129 -5.80 8.98 42.16
CA ALA A 129 -5.40 10.22 41.49
C ALA A 129 -4.08 10.75 42.03
N ILE A 130 -3.14 10.97 41.12
CA ILE A 130 -1.85 11.50 41.51
C ILE A 130 -2.11 12.95 41.88
N GLY A 131 -1.52 13.41 42.99
CA GLY A 131 -1.73 14.78 43.42
C GLY A 131 -3.11 15.02 44.04
N ARG A 132 -3.84 13.95 44.32
CA ARG A 132 -5.16 14.05 44.90
C ARG A 132 -6.12 15.00 44.15
N VAL A 133 -6.01 15.01 42.82
CA VAL A 133 -6.87 15.84 41.97
C VAL A 133 -8.21 15.10 41.74
N THR A 134 -9.33 15.81 41.87
CA THR A 134 -10.64 15.21 41.65
C THR A 134 -10.76 14.73 40.19
N PRO A 135 -11.11 13.44 39.98
CA PRO A 135 -11.27 12.86 38.64
C PRO A 135 -12.42 13.54 37.91
N ILE A 136 -12.33 13.61 36.59
CA ILE A 136 -13.38 14.26 35.80
C ILE A 136 -14.76 13.62 35.99
N PHE A 137 -14.85 12.30 36.13
CA PHE A 137 -16.17 11.72 36.30
C PHE A 137 -16.78 12.16 37.63
N ASP A 138 -15.97 12.18 38.68
CA ASP A 138 -16.48 12.61 39.98
C ASP A 138 -17.09 14.00 39.86
N ASN A 139 -16.40 14.88 39.14
CA ASN A 139 -16.91 16.24 38.99
C ASN A 139 -18.20 16.29 38.19
N ILE A 140 -18.31 15.46 37.16
CA ILE A 140 -19.53 15.46 36.36
C ILE A 140 -20.71 14.99 37.22
N ILE A 141 -20.49 13.97 38.05
CA ILE A 141 -21.55 13.49 38.91
C ILE A 141 -22.04 14.56 39.88
N SER A 142 -21.13 15.42 40.35
CA SER A 142 -21.47 16.48 41.30
C SER A 142 -22.44 17.51 40.74
N GLN A 143 -22.87 17.30 39.50
CA GLN A 143 -23.80 18.23 38.87
C GLN A 143 -25.19 17.63 38.81
N GLY A 144 -25.33 16.43 39.34
CA GLY A 144 -26.62 15.75 39.36
C GLY A 144 -27.38 15.87 38.04
N VAL A 145 -26.71 15.52 36.95
CA VAL A 145 -27.35 15.57 35.64
C VAL A 145 -27.41 14.19 35.02
N LEU A 146 -26.39 13.37 35.28
CA LEU A 146 -26.36 12.02 34.73
C LEU A 146 -27.49 11.21 35.35
N LYS A 147 -28.15 10.41 34.52
CA LYS A 147 -29.26 9.58 35.00
C LYS A 147 -28.77 8.50 35.96
N GLU A 148 -27.54 8.05 35.79
CA GLU A 148 -26.98 7.01 36.65
C GLU A 148 -25.48 7.15 36.87
N ASP A 149 -25.02 6.68 38.03
CA ASP A 149 -23.62 6.74 38.41
C ASP A 149 -22.80 5.67 37.69
N VAL A 150 -22.92 5.63 36.37
CA VAL A 150 -22.21 4.64 35.57
C VAL A 150 -21.79 5.16 34.21
N PHE A 151 -20.84 4.44 33.60
CA PHE A 151 -20.39 4.74 32.25
C PHE A 151 -19.99 3.43 31.58
N SER A 152 -20.25 3.34 30.28
CA SER A 152 -19.98 2.13 29.52
C SER A 152 -19.06 2.28 28.31
N PHE A 153 -18.37 1.20 27.96
CA PHE A 153 -17.46 1.18 26.82
C PHE A 153 -17.81 0.16 25.78
N TYR A 154 -17.70 0.58 24.52
CA TYR A 154 -17.91 -0.28 23.37
C TYR A 154 -16.71 -0.06 22.44
N TYR A 155 -15.95 -1.13 22.18
CA TYR A 155 -14.80 -1.05 21.29
C TYR A 155 -15.10 -1.96 20.12
N ASN A 156 -15.28 -1.36 18.95
CA ASN A 156 -15.59 -2.08 17.73
C ASN A 156 -14.34 -2.72 17.16
N ARG A 157 -14.52 -3.78 16.38
CA ARG A 157 -13.39 -4.42 15.74
C ARG A 157 -12.93 -3.42 14.70
N ASP A 158 -11.64 -3.36 14.46
CA ASP A 158 -11.10 -2.41 13.48
C ASP A 158 -11.84 -2.55 12.16
N SER A 159 -12.01 -1.43 11.47
CA SER A 159 -12.70 -1.48 10.18
C SER A 159 -11.80 -0.91 9.11
N GLU A 160 -12.00 -1.36 7.88
CA GLU A 160 -11.18 -0.90 6.77
C GLU A 160 -11.93 0.14 5.94
N ASN A 161 -13.20 0.34 6.26
CA ASN A 161 -14.03 1.31 5.55
C ASN A 161 -14.54 2.41 6.49
N SER A 162 -14.07 3.62 6.26
CA SER A 162 -14.44 4.77 7.07
C SER A 162 -15.94 5.08 7.04
N GLN A 163 -16.72 4.28 7.75
CA GLN A 163 -18.18 4.47 7.82
C GLN A 163 -18.78 3.72 9.00
N SER A 164 -17.91 3.13 9.81
CA SER A 164 -18.32 2.38 11.01
C SER A 164 -17.67 3.06 12.20
N LEU A 165 -18.44 3.29 13.26
CA LEU A 165 -17.88 3.94 14.44
C LEU A 165 -16.84 3.05 15.11
N GLY A 166 -15.68 3.63 15.37
CA GLY A 166 -14.60 2.89 16.01
C GLY A 166 -14.95 2.40 17.41
N GLY A 167 -15.80 3.15 18.11
CA GLY A 167 -16.20 2.77 19.45
C GLY A 167 -17.08 3.84 20.08
N GLN A 168 -17.55 3.59 21.29
CA GLN A 168 -18.41 4.57 21.96
C GLN A 168 -18.42 4.44 23.46
N ILE A 169 -18.37 5.58 24.15
CA ILE A 169 -18.41 5.61 25.61
C ILE A 169 -19.69 6.34 25.99
N VAL A 170 -20.45 5.73 26.89
CA VAL A 170 -21.70 6.31 27.35
C VAL A 170 -21.52 6.79 28.77
N LEU A 171 -21.75 8.08 28.99
CA LEU A 171 -21.66 8.67 30.32
C LEU A 171 -23.10 8.73 30.84
N GLY A 172 -23.39 7.99 31.90
CA GLY A 172 -24.73 8.00 32.44
C GLY A 172 -25.45 6.67 32.33
N GLY A 173 -25.03 5.81 31.41
CA GLY A 173 -25.67 4.51 31.26
C GLY A 173 -24.97 3.60 30.29
N SER A 174 -25.76 2.82 29.55
CA SER A 174 -25.25 1.89 28.54
C SER A 174 -26.07 2.13 27.29
N ASP A 175 -25.62 1.56 26.17
CA ASP A 175 -26.33 1.70 24.91
C ASP A 175 -26.69 0.29 24.41
N PRO A 176 -27.95 -0.12 24.58
CA PRO A 176 -28.51 -1.43 24.18
C PRO A 176 -28.28 -1.75 22.72
N GLN A 177 -27.92 -0.73 21.95
CA GLN A 177 -27.68 -0.90 20.54
C GLN A 177 -26.39 -1.71 20.28
N HIS A 178 -25.48 -1.69 21.26
CA HIS A 178 -24.20 -2.40 21.12
C HIS A 178 -23.93 -3.61 22.03
N TYR A 179 -24.98 -4.26 22.50
CA TYR A 179 -24.82 -5.44 23.33
C TYR A 179 -26.12 -6.23 23.37
N GLU A 180 -26.01 -7.53 23.59
CA GLU A 180 -27.20 -8.38 23.65
C GLU A 180 -27.13 -9.30 24.86
N GLY A 181 -28.24 -9.97 25.15
CA GLY A 181 -28.28 -10.80 26.33
C GLY A 181 -28.30 -9.77 27.45
N ASN A 182 -28.14 -10.18 28.69
CA ASN A 182 -28.13 -9.17 29.74
C ASN A 182 -26.78 -9.19 30.45
N PHE A 183 -26.54 -8.17 31.24
CA PHE A 183 -25.27 -8.07 31.95
C PHE A 183 -25.08 -9.13 33.01
N HIS A 184 -23.83 -9.29 33.43
CA HIS A 184 -23.44 -10.21 34.47
C HIS A 184 -22.36 -9.45 35.21
N TYR A 185 -22.56 -9.29 36.51
CA TYR A 185 -21.64 -8.52 37.32
C TYR A 185 -20.69 -9.30 38.20
N ILE A 186 -19.60 -8.63 38.55
CA ILE A 186 -18.58 -9.16 39.45
C ILE A 186 -18.30 -7.93 40.31
N ASN A 187 -18.16 -8.11 41.62
CA ASN A 187 -17.92 -6.97 42.49
C ASN A 187 -16.44 -6.63 42.57
N LEU A 188 -16.14 -5.34 42.75
CA LEU A 188 -14.77 -4.88 42.85
C LEU A 188 -14.18 -5.38 44.16
N ILE A 189 -12.95 -5.87 44.12
CA ILE A 189 -12.29 -6.33 45.32
C ILE A 189 -12.34 -5.21 46.35
N LYS A 190 -11.87 -4.05 45.92
CA LYS A 190 -11.84 -2.86 46.77
C LYS A 190 -12.20 -1.62 45.95
N THR A 191 -12.96 -0.70 46.53
CA THR A 191 -13.32 0.53 45.81
C THR A 191 -12.03 1.35 45.66
N GLY A 192 -11.93 2.12 44.58
CA GLY A 192 -10.74 2.90 44.34
C GLY A 192 -9.90 2.32 43.21
N VAL A 193 -10.31 1.15 42.72
CA VAL A 193 -9.62 0.47 41.63
C VAL A 193 -10.60 -0.41 40.85
N TRP A 194 -10.60 -0.29 39.54
CA TRP A 194 -11.49 -1.10 38.71
C TRP A 194 -10.86 -2.48 38.53
N GLN A 195 -10.69 -3.18 39.65
CA GLN A 195 -10.09 -4.50 39.66
C GLN A 195 -11.04 -5.49 40.32
N ILE A 196 -11.16 -6.67 39.73
CA ILE A 196 -12.07 -7.67 40.26
C ILE A 196 -11.41 -9.00 40.44
N GLN A 197 -12.13 -9.90 41.12
CA GLN A 197 -11.65 -11.24 41.36
C GLN A 197 -11.88 -12.11 40.13
N MET A 198 -10.85 -12.88 39.76
CA MET A 198 -10.94 -13.79 38.63
C MET A 198 -10.68 -15.21 39.13
N LYS A 199 -11.71 -16.04 39.11
CA LYS A 199 -11.62 -17.41 39.60
C LYS A 199 -10.71 -18.37 38.86
N GLY A 200 -10.37 -18.07 37.60
CA GLY A 200 -9.48 -18.95 36.86
C GLY A 200 -9.32 -18.61 35.39
N VAL A 201 -8.31 -19.19 34.76
CA VAL A 201 -8.03 -18.95 33.35
C VAL A 201 -7.72 -20.29 32.68
N SER A 202 -8.37 -20.57 31.56
CA SER A 202 -8.15 -21.83 30.88
C SER A 202 -7.81 -21.68 29.40
N VAL A 203 -6.89 -22.52 28.94
CA VAL A 203 -6.45 -22.54 27.55
C VAL A 203 -6.77 -23.91 26.97
N GLY A 204 -7.91 -24.01 26.28
CA GLY A 204 -8.32 -25.28 25.71
C GLY A 204 -9.11 -26.03 26.76
N SER A 205 -8.83 -27.33 26.90
CA SER A 205 -9.53 -28.15 27.90
C SER A 205 -8.61 -28.57 29.04
N SER A 206 -8.30 -27.60 29.90
CA SER A 206 -7.45 -27.80 31.07
C SER A 206 -7.20 -26.46 31.77
N THR A 207 -7.94 -26.20 32.86
CA THR A 207 -7.78 -24.96 33.63
C THR A 207 -6.37 -24.98 34.21
N LEU A 208 -5.39 -24.64 33.37
CA LEU A 208 -4.01 -24.66 33.76
C LEU A 208 -3.47 -23.34 34.36
N LEU A 209 -4.25 -22.27 34.27
CA LEU A 209 -3.81 -20.98 34.81
C LEU A 209 -4.71 -20.35 35.86
N CYS A 210 -4.11 -19.47 36.65
CA CYS A 210 -4.82 -18.75 37.71
C CYS A 210 -5.71 -19.66 38.57
N GLU A 211 -5.25 -20.87 38.86
CA GLU A 211 -6.03 -21.75 39.72
C GLU A 211 -5.86 -21.05 41.08
N ASP A 212 -6.64 -21.45 42.07
CA ASP A 212 -6.52 -20.83 43.39
C ASP A 212 -6.99 -19.36 43.36
N GLY A 213 -7.08 -18.78 42.18
CA GLY A 213 -7.51 -17.40 42.05
C GLY A 213 -6.42 -16.42 41.66
N CYS A 214 -6.82 -15.21 41.28
CA CYS A 214 -5.88 -14.15 40.88
C CYS A 214 -6.69 -12.87 40.63
N LEU A 215 -6.02 -11.76 40.35
CA LEU A 215 -6.72 -10.49 40.10
C LEU A 215 -6.80 -10.08 38.65
N ALA A 216 -7.81 -9.26 38.34
CA ALA A 216 -8.01 -8.77 36.98
C ALA A 216 -8.33 -7.27 36.96
N LEU A 217 -7.43 -6.50 36.38
CA LEU A 217 -7.63 -5.06 36.27
C LEU A 217 -8.37 -4.86 34.94
N VAL A 218 -9.52 -4.17 34.96
CA VAL A 218 -10.26 -3.93 33.71
C VAL A 218 -9.85 -2.57 33.20
N ASP A 219 -8.84 -2.58 32.34
CA ASP A 219 -8.22 -1.37 31.80
C ASP A 219 -8.64 -0.95 30.37
N THR A 220 -9.50 0.06 30.28
CA THR A 220 -9.94 0.55 28.96
C THR A 220 -8.79 1.29 28.27
N GLY A 221 -7.75 1.60 29.03
CA GLY A 221 -6.61 2.32 28.46
C GLY A 221 -5.50 1.39 28.00
N ALA A 222 -5.72 0.08 28.13
CA ALA A 222 -4.74 -0.92 27.73
C ALA A 222 -5.10 -1.60 26.42
N SER A 223 -4.13 -1.66 25.51
CA SER A 223 -4.34 -2.29 24.21
C SER A 223 -4.62 -3.79 24.26
N TYR A 224 -4.06 -4.48 25.24
CA TYR A 224 -4.22 -5.92 25.27
C TYR A 224 -4.75 -6.54 26.56
N ILE A 225 -4.67 -7.87 26.60
CA ILE A 225 -5.03 -8.64 27.76
C ILE A 225 -3.65 -9.06 28.21
N SER A 226 -3.31 -8.79 29.47
CA SER A 226 -1.98 -9.16 29.97
C SER A 226 -2.00 -9.89 31.31
N GLY A 227 -0.91 -10.59 31.57
CA GLY A 227 -0.74 -11.34 32.81
C GLY A 227 0.71 -11.24 33.23
N SER A 228 1.04 -11.81 34.40
CA SER A 228 2.41 -11.80 34.91
C SER A 228 3.33 -12.61 34.00
N THR A 229 4.60 -12.25 33.93
CA THR A 229 5.55 -12.96 33.09
C THR A 229 5.39 -14.47 33.27
N SER A 230 5.30 -14.91 34.52
CA SER A 230 5.14 -16.33 34.80
C SER A 230 3.92 -16.88 34.07
N SER A 231 2.76 -16.30 34.38
CA SER A 231 1.51 -16.72 33.78
C SER A 231 1.54 -16.76 32.25
N ILE A 232 2.00 -15.67 31.64
CA ILE A 232 2.05 -15.60 30.19
C ILE A 232 3.00 -16.63 29.58
N GLU A 233 4.18 -16.78 30.16
CA GLU A 233 5.16 -17.76 29.67
C GLU A 233 4.53 -19.15 29.62
N LYS A 234 3.69 -19.42 30.61
CA LYS A 234 3.00 -20.70 30.73
C LYS A 234 1.88 -20.78 29.69
N LEU A 235 1.16 -19.68 29.51
CA LEU A 235 0.07 -19.64 28.55
C LEU A 235 0.63 -19.76 27.14
N MET A 236 1.63 -18.93 26.84
CA MET A 236 2.24 -18.92 25.51
C MET A 236 2.87 -20.24 25.09
N GLU A 237 3.44 -20.97 26.04
CA GLU A 237 4.05 -22.24 25.67
C GLU A 237 2.97 -23.23 25.23
N ALA A 238 1.79 -23.12 25.82
CA ALA A 238 0.68 -24.00 25.49
C ALA A 238 0.11 -23.67 24.12
N LEU A 239 0.44 -22.49 23.61
CA LEU A 239 -0.05 -22.07 22.30
C LEU A 239 1.01 -22.32 21.23
N GLY A 240 2.24 -22.59 21.68
CA GLY A 240 3.32 -22.82 20.74
C GLY A 240 3.87 -21.51 20.20
N ALA A 241 3.70 -20.46 21.00
CA ALA A 241 4.16 -19.12 20.64
C ALA A 241 5.60 -18.86 21.06
N LYS A 242 6.34 -18.13 20.23
CA LYS A 242 7.72 -17.80 20.51
C LYS A 242 7.80 -16.35 20.98
N LYS A 243 8.52 -16.12 22.07
CA LYS A 243 8.64 -14.79 22.64
C LYS A 243 9.62 -13.94 21.87
N ARG A 244 9.28 -12.65 21.75
CA ARG A 244 10.12 -11.69 21.07
C ARG A 244 10.50 -10.65 22.11
N LEU A 245 10.91 -9.48 21.62
CA LEU A 245 11.30 -8.40 22.51
C LEU A 245 10.08 -7.78 23.19
N PHE A 246 9.05 -7.47 22.41
CA PHE A 246 7.85 -6.83 22.94
C PHE A 246 6.55 -7.62 22.87
N ASP A 247 6.54 -8.75 22.16
CA ASP A 247 5.32 -9.54 22.04
C ASP A 247 5.59 -11.02 21.81
N TYR A 248 4.53 -11.76 21.50
CA TYR A 248 4.62 -13.17 21.21
C TYR A 248 4.08 -13.39 19.81
N VAL A 249 4.62 -14.37 19.10
CA VAL A 249 4.20 -14.63 17.74
C VAL A 249 4.03 -16.11 17.44
N VAL A 250 3.25 -16.37 16.40
CA VAL A 250 2.98 -17.72 15.94
C VAL A 250 3.15 -17.66 14.42
N LYS A 251 3.40 -18.80 13.79
CA LYS A 251 3.50 -18.77 12.32
C LYS A 251 2.06 -18.46 11.94
N CYS A 252 1.88 -17.46 11.08
CA CYS A 252 0.52 -17.07 10.68
C CYS A 252 -0.41 -18.21 10.29
N ASN A 253 0.13 -19.22 9.63
CA ASN A 253 -0.67 -20.36 9.20
C ASN A 253 -1.21 -21.16 10.39
N GLU A 254 -0.57 -21.01 11.55
CA GLU A 254 -1.02 -21.75 12.73
C GLU A 254 -2.07 -21.02 13.53
N GLY A 255 -2.24 -19.73 13.25
CA GLY A 255 -3.22 -18.94 13.97
C GLY A 255 -4.62 -19.51 14.13
N PRO A 256 -5.34 -19.77 13.03
CA PRO A 256 -6.70 -20.31 13.01
C PRO A 256 -6.97 -21.57 13.83
N THR A 257 -5.93 -22.37 14.08
CA THR A 257 -6.10 -23.60 14.84
C THR A 257 -5.90 -23.43 16.35
N LEU A 258 -5.31 -22.30 16.77
CA LEU A 258 -5.10 -22.06 18.20
C LEU A 258 -6.41 -22.26 18.95
N PRO A 259 -6.33 -22.81 20.17
CA PRO A 259 -7.53 -23.06 20.98
C PRO A 259 -8.16 -21.82 21.60
N ASP A 260 -9.28 -22.03 22.27
CA ASP A 260 -9.99 -20.95 22.94
C ASP A 260 -9.30 -20.65 24.26
N ILE A 261 -9.52 -19.44 24.77
CA ILE A 261 -8.95 -19.02 26.05
C ILE A 261 -10.12 -18.46 26.81
N SER A 262 -10.33 -18.96 28.03
CA SER A 262 -11.46 -18.52 28.83
C SER A 262 -11.03 -17.88 30.14
N PHE A 263 -11.78 -16.85 30.52
CA PHE A 263 -11.53 -16.14 31.76
C PHE A 263 -12.77 -16.35 32.62
N HIS A 264 -12.57 -16.96 33.79
CA HIS A 264 -13.66 -17.24 34.72
C HIS A 264 -13.89 -16.04 35.64
N LEU A 265 -14.89 -15.23 35.33
CA LEU A 265 -15.19 -14.05 36.15
C LEU A 265 -16.59 -14.11 36.74
N GLY A 266 -16.65 -14.15 38.07
CA GLY A 266 -17.93 -14.18 38.75
C GLY A 266 -18.88 -15.28 38.30
N GLY A 267 -18.36 -16.49 38.17
CA GLY A 267 -19.23 -17.59 37.76
C GLY A 267 -19.86 -17.33 36.39
N LYS A 268 -19.02 -17.29 35.37
CA LYS A 268 -19.43 -17.09 33.98
C LYS A 268 -18.15 -17.14 33.16
N GLU A 269 -18.07 -18.08 32.24
CA GLU A 269 -16.89 -18.21 31.40
C GLU A 269 -16.89 -17.21 30.24
N TYR A 270 -15.85 -16.38 30.16
CA TYR A 270 -15.74 -15.41 29.08
C TYR A 270 -14.72 -15.98 28.11
N THR A 271 -15.20 -16.47 26.97
CA THR A 271 -14.35 -17.12 25.99
C THR A 271 -13.95 -16.34 24.75
N LEU A 272 -12.67 -16.47 24.39
CA LEU A 272 -12.12 -15.82 23.20
C LEU A 272 -11.63 -16.89 22.22
N THR A 273 -11.90 -16.66 20.94
CA THR A 273 -11.48 -17.54 19.87
C THR A 273 -10.12 -17.02 19.38
N SER A 274 -9.36 -17.86 18.68
CA SER A 274 -8.08 -17.40 18.15
C SER A 274 -8.33 -16.15 17.30
N ALA A 275 -9.44 -16.13 16.57
CA ALA A 275 -9.76 -14.97 15.75
C ALA A 275 -9.88 -13.72 16.62
N ASP A 276 -10.22 -13.92 17.88
CA ASP A 276 -10.36 -12.81 18.82
C ASP A 276 -9.02 -12.29 19.35
N TYR A 277 -8.03 -13.18 19.53
CA TYR A 277 -6.76 -12.76 20.10
C TYR A 277 -5.52 -12.73 19.22
N VAL A 278 -5.65 -13.12 17.95
CA VAL A 278 -4.46 -13.06 17.09
C VAL A 278 -4.72 -12.10 15.95
N PHE A 279 -3.68 -11.36 15.59
CA PHE A 279 -3.76 -10.42 14.48
C PHE A 279 -3.46 -11.23 13.23
N GLN A 280 -4.49 -11.89 12.73
CA GLN A 280 -4.37 -12.72 11.55
C GLN A 280 -4.27 -11.79 10.35
N GLU A 281 -3.04 -11.47 9.95
CA GLU A 281 -2.83 -10.59 8.81
C GLU A 281 -2.30 -11.35 7.61
N SER A 282 -2.24 -12.67 7.74
CA SER A 282 -1.76 -13.55 6.69
C SER A 282 -2.04 -14.98 7.11
N TYR A 283 -1.92 -15.91 6.17
CA TYR A 283 -2.16 -17.33 6.47
C TYR A 283 -0.92 -18.12 6.13
N SER A 284 0.16 -17.41 5.80
CA SER A 284 1.43 -18.01 5.43
C SER A 284 2.24 -18.58 6.58
N SER A 285 2.99 -19.65 6.30
CA SER A 285 3.83 -20.29 7.30
C SER A 285 5.16 -19.55 7.33
N LYS A 286 5.43 -18.78 6.28
CA LYS A 286 6.67 -18.01 6.17
C LYS A 286 6.56 -16.62 6.82
N LYS A 287 5.53 -16.41 7.62
CA LYS A 287 5.35 -15.12 8.28
C LYS A 287 4.84 -15.27 9.69
N LEU A 288 5.23 -14.34 10.53
CA LEU A 288 4.84 -14.35 11.93
C LEU A 288 3.60 -13.48 12.17
N CYS A 289 2.77 -13.89 13.10
CA CYS A 289 1.56 -13.16 13.43
C CYS A 289 1.56 -12.86 14.95
N THR A 290 1.38 -11.59 15.31
CA THR A 290 1.36 -11.18 16.72
C THR A 290 0.06 -11.53 17.41
N LEU A 291 0.13 -11.72 18.73
CA LEU A 291 -1.05 -12.04 19.53
C LEU A 291 -1.43 -10.80 20.36
N ALA A 292 -2.71 -10.64 20.64
CA ALA A 292 -3.17 -9.49 21.41
C ALA A 292 -3.16 -9.78 22.90
N ILE A 293 -2.26 -10.67 23.30
CA ILE A 293 -2.11 -11.01 24.70
C ILE A 293 -0.63 -10.80 25.02
N HIS A 294 -0.35 -9.96 26.00
CA HIS A 294 1.05 -9.69 26.38
C HIS A 294 1.37 -9.98 27.83
N ALA A 295 2.65 -9.98 28.13
CA ALA A 295 3.13 -10.21 29.47
C ALA A 295 3.44 -8.82 30.02
N MET A 296 3.00 -8.55 31.23
CA MET A 296 3.25 -7.24 31.83
C MET A 296 3.14 -7.31 33.33
N ASP A 297 4.28 -7.23 33.99
CA ASP A 297 4.33 -7.30 35.44
C ASP A 297 3.95 -5.98 36.07
N ILE A 298 2.78 -5.95 36.71
CA ILE A 298 2.28 -4.77 37.38
C ILE A 298 2.63 -4.91 38.86
N PRO A 299 3.32 -3.90 39.41
CA PRO A 299 3.73 -3.92 40.82
C PRO A 299 2.63 -3.52 41.81
N PRO A 300 2.82 -3.88 43.09
CA PRO A 300 1.86 -3.56 44.14
C PRO A 300 1.62 -2.04 44.21
N PRO A 301 0.50 -1.63 44.82
CA PRO A 301 -0.49 -2.55 45.40
C PRO A 301 -1.40 -3.22 44.36
N THR A 302 -1.60 -2.53 43.24
CA THR A 302 -2.46 -3.03 42.18
C THR A 302 -2.12 -4.46 41.73
N GLY A 303 -0.84 -4.71 41.46
CA GLY A 303 -0.42 -6.03 41.01
C GLY A 303 0.32 -6.84 42.05
N PRO A 304 0.79 -8.06 41.69
CA PRO A 304 0.65 -8.68 40.37
C PRO A 304 -0.83 -8.86 39.99
N THR A 305 -1.14 -8.74 38.70
CA THR A 305 -2.52 -8.86 38.25
C THR A 305 -2.65 -8.97 36.73
N TRP A 306 -3.74 -9.57 36.27
CA TRP A 306 -3.99 -9.67 34.85
C TRP A 306 -4.63 -8.33 34.44
N ALA A 307 -4.64 -8.05 33.16
CA ALA A 307 -5.26 -6.83 32.69
C ALA A 307 -6.18 -7.17 31.53
N LEU A 308 -7.42 -6.69 31.60
CA LEU A 308 -8.36 -6.94 30.53
C LEU A 308 -8.55 -5.63 29.78
N GLY A 309 -7.81 -5.50 28.68
CA GLY A 309 -7.86 -4.30 27.89
C GLY A 309 -8.74 -4.42 26.66
N ALA A 310 -8.33 -3.72 25.60
CA ALA A 310 -9.09 -3.71 24.34
C ALA A 310 -9.42 -5.09 23.76
N THR A 311 -8.48 -6.02 23.83
CA THR A 311 -8.71 -7.35 23.31
C THR A 311 -9.98 -7.98 23.91
N PHE A 312 -10.21 -7.74 25.20
CA PHE A 312 -11.38 -8.29 25.90
C PHE A 312 -12.66 -7.45 25.76
N ILE A 313 -12.51 -6.14 25.72
CA ILE A 313 -13.68 -5.27 25.60
C ILE A 313 -14.28 -5.25 24.19
N ARG A 314 -13.52 -5.67 23.18
CA ARG A 314 -14.05 -5.70 21.82
C ARG A 314 -15.17 -6.73 21.79
N LYS A 315 -14.96 -7.81 22.53
CA LYS A 315 -15.90 -8.91 22.59
C LYS A 315 -17.01 -8.73 23.61
N PHE A 316 -16.69 -8.07 24.72
CA PHE A 316 -17.69 -7.88 25.75
C PHE A 316 -17.91 -6.42 26.13
N TYR A 317 -19.12 -5.96 25.86
CA TYR A 317 -19.52 -4.61 26.17
C TYR A 317 -19.36 -4.46 27.70
N THR A 318 -18.68 -3.39 28.13
CA THR A 318 -18.41 -3.20 29.56
C THR A 318 -19.03 -1.97 30.24
N GLU A 319 -19.65 -2.19 31.39
CA GLU A 319 -20.28 -1.14 32.17
C GLU A 319 -19.56 -0.95 33.50
N PHE A 320 -19.20 0.28 33.83
CA PHE A 320 -18.51 0.58 35.08
C PHE A 320 -19.49 1.24 36.03
N ASP A 321 -19.94 0.49 37.02
CA ASP A 321 -20.91 0.97 37.98
C ASP A 321 -20.25 1.53 39.24
N ARG A 322 -20.34 2.84 39.42
CA ARG A 322 -19.75 3.50 40.59
C ARG A 322 -20.64 3.38 41.82
N ARG A 323 -21.93 3.60 41.65
CA ARG A 323 -22.85 3.54 42.78
C ARG A 323 -22.84 2.19 43.50
N ASN A 324 -22.67 1.11 42.75
CA ASN A 324 -22.66 -0.22 43.32
C ASN A 324 -21.29 -0.90 43.36
N ASN A 325 -20.25 -0.18 42.94
CA ASN A 325 -18.88 -0.70 42.91
C ASN A 325 -18.76 -2.10 42.30
N ARG A 326 -19.24 -2.22 41.07
CA ARG A 326 -19.20 -3.47 40.33
C ARG A 326 -18.99 -3.17 38.85
N ILE A 327 -18.56 -4.20 38.11
CA ILE A 327 -18.33 -4.11 36.68
C ILE A 327 -19.27 -5.11 36.02
N GLY A 328 -19.81 -4.74 34.86
CA GLY A 328 -20.73 -5.64 34.18
C GLY A 328 -20.35 -5.88 32.73
N PHE A 329 -20.45 -7.14 32.32
CA PHE A 329 -20.12 -7.52 30.96
C PHE A 329 -21.33 -8.10 30.23
N ALA A 330 -21.35 -7.89 28.92
CA ALA A 330 -22.43 -8.40 28.09
C ALA A 330 -21.85 -8.60 26.69
N LEU A 331 -22.46 -9.49 25.91
CA LEU A 331 -22.01 -9.76 24.55
C LEU A 331 -22.06 -8.50 23.69
N ALA A 332 -20.91 -8.10 23.17
CA ALA A 332 -20.84 -6.93 22.32
C ALA A 332 -21.54 -7.23 21.00
N ARG A 333 -22.18 -6.19 20.46
CA ARG A 333 -22.94 -6.31 19.24
C ARG A 333 -22.59 -5.11 18.35
N SER B 1 15.77 15.73 -27.39
CA SER B 1 14.62 15.81 -26.53
C SER B 1 14.34 14.42 -25.99
N SER B 2 14.29 14.29 -24.67
CA SER B 2 14.05 13.00 -24.06
C SER B 2 12.85 13.02 -23.13
N VAL B 3 12.25 11.85 -22.96
CA VAL B 3 11.12 11.70 -22.07
C VAL B 3 11.34 10.43 -21.27
N ILE B 4 11.23 10.56 -19.96
CA ILE B 4 11.43 9.46 -19.03
C ILE B 4 10.27 8.45 -19.08
N LEU B 5 10.60 7.17 -19.03
CA LEU B 5 9.58 6.14 -19.09
C LEU B 5 9.34 5.40 -17.77
N THR B 6 8.11 4.97 -17.57
CA THR B 6 7.73 4.21 -16.39
C THR B 6 7.84 2.76 -16.80
N ASN B 7 8.41 1.93 -15.93
CA ASN B 7 8.51 0.53 -16.24
C ASN B 7 7.53 -0.26 -15.40
N TYR B 8 6.54 -0.84 -16.08
CA TYR B 8 5.52 -1.64 -15.43
C TYR B 8 5.79 -3.12 -15.69
N MET B 9 6.13 -3.86 -14.63
CA MET B 9 6.40 -5.31 -14.72
C MET B 9 7.28 -5.81 -15.87
N ASP B 10 8.12 -4.93 -16.43
CA ASP B 10 8.97 -5.33 -17.55
C ASP B 10 8.17 -5.76 -18.79
N THR B 11 6.88 -5.44 -18.82
CA THR B 11 6.07 -5.82 -19.98
C THR B 11 5.39 -4.62 -20.59
N GLN B 12 5.57 -3.46 -19.97
CA GLN B 12 4.98 -2.21 -20.47
C GLN B 12 5.88 -1.01 -20.14
N TYR B 13 6.19 -0.23 -21.17
CA TYR B 13 7.03 0.96 -21.04
C TYR B 13 6.31 2.12 -21.71
N TYR B 14 6.04 3.17 -20.94
CA TYR B 14 5.36 4.36 -21.47
C TYR B 14 5.85 5.62 -20.78
N GLY B 15 5.68 6.75 -21.46
CA GLY B 15 6.10 8.02 -20.93
C GLY B 15 4.99 9.02 -21.08
N GLU B 16 5.29 10.30 -20.93
CA GLU B 16 4.24 11.30 -21.03
C GLU B 16 4.37 12.29 -22.19
N ILE B 17 3.24 12.55 -22.84
CA ILE B 17 3.19 13.54 -23.92
C ILE B 17 2.05 14.49 -23.55
N GLY B 18 2.00 15.63 -24.22
CA GLY B 18 0.94 16.59 -23.95
C GLY B 18 0.23 16.92 -25.24
N ILE B 19 -1.09 16.95 -25.22
CA ILE B 19 -1.86 17.27 -26.42
C ILE B 19 -2.82 18.43 -26.20
N GLY B 20 -2.69 19.48 -27.00
CA GLY B 20 -3.59 20.61 -26.89
C GLY B 20 -3.08 21.83 -26.13
N THR B 21 -3.87 22.89 -26.16
CA THR B 21 -3.54 24.14 -25.48
C THR B 21 -4.75 24.56 -24.65
N PRO B 22 -4.66 24.45 -23.31
CA PRO B 22 -3.49 23.95 -22.58
C PRO B 22 -3.31 22.45 -22.81
N PRO B 23 -2.09 21.95 -22.61
CA PRO B 23 -1.77 20.53 -22.81
C PRO B 23 -2.38 19.56 -21.80
N GLN B 24 -2.98 18.50 -22.31
CA GLN B 24 -3.57 17.46 -21.47
C GLN B 24 -2.53 16.33 -21.48
N THR B 25 -2.16 15.84 -20.31
CA THR B 25 -1.15 14.79 -20.18
C THR B 25 -1.68 13.37 -20.34
N PHE B 26 -1.05 12.62 -21.25
CA PHE B 26 -1.41 11.22 -21.52
C PHE B 26 -0.19 10.32 -21.37
N LYS B 27 -0.41 9.06 -21.02
CA LYS B 27 0.68 8.11 -20.90
C LYS B 27 0.72 7.33 -22.21
N VAL B 28 1.87 7.28 -22.88
CA VAL B 28 1.96 6.57 -24.14
C VAL B 28 3.18 5.67 -24.33
N VAL B 29 3.05 4.65 -25.16
CA VAL B 29 4.15 3.75 -25.47
C VAL B 29 4.75 4.22 -26.79
N PHE B 30 6.07 4.41 -26.84
CA PHE B 30 6.71 4.83 -28.07
C PHE B 30 7.01 3.55 -28.82
N ASP B 31 6.22 3.33 -29.87
CA ASP B 31 6.22 2.13 -30.69
C ASP B 31 6.86 2.20 -32.08
N THR B 32 7.99 1.53 -32.27
CA THR B 32 8.68 1.51 -33.57
C THR B 32 7.96 0.50 -34.47
N GLY B 33 6.94 -0.16 -33.92
CA GLY B 33 6.19 -1.14 -34.66
C GLY B 33 4.87 -0.63 -35.22
N SER B 34 4.66 0.69 -35.17
CA SER B 34 3.45 1.32 -35.70
C SER B 34 3.84 2.75 -36.07
N SER B 35 3.05 3.39 -36.92
CA SER B 35 3.39 4.75 -37.35
C SER B 35 2.34 5.81 -37.04
N ASN B 36 1.34 5.47 -36.24
CA ASN B 36 0.30 6.43 -35.90
C ASN B 36 0.29 6.82 -34.44
N VAL B 37 -0.17 8.04 -34.18
CA VAL B 37 -0.28 8.54 -32.82
C VAL B 37 -1.76 8.49 -32.50
N TRP B 38 -2.12 8.07 -31.30
CA TRP B 38 -3.52 8.00 -30.92
C TRP B 38 -3.76 7.90 -29.43
N VAL B 39 -4.88 8.45 -28.98
CA VAL B 39 -5.27 8.43 -27.59
C VAL B 39 -6.77 8.23 -27.50
N PRO B 40 -7.28 7.92 -26.31
CA PRO B 40 -8.72 7.71 -26.11
C PRO B 40 -9.44 9.07 -26.20
N SER B 41 -10.58 9.09 -26.88
CA SER B 41 -11.34 10.34 -27.01
C SER B 41 -12.40 10.49 -25.92
N SER B 42 -12.70 11.73 -25.55
CA SER B 42 -13.70 12.00 -24.53
C SER B 42 -15.06 11.62 -25.10
N LYS B 43 -15.08 11.33 -26.40
CA LYS B 43 -16.29 10.95 -27.09
C LYS B 43 -16.37 9.43 -27.20
N CYS B 44 -15.81 8.74 -26.21
CA CYS B 44 -15.83 7.28 -26.18
C CYS B 44 -16.87 6.81 -25.16
N SER B 45 -17.93 6.19 -25.67
CA SER B 45 -19.03 5.69 -24.84
C SER B 45 -18.59 4.89 -23.61
N ARG B 46 -19.10 5.29 -22.44
CA ARG B 46 -18.77 4.62 -21.18
C ARG B 46 -19.01 3.11 -21.23
N LEU B 47 -19.59 2.63 -22.32
CA LEU B 47 -19.85 1.20 -22.48
C LEU B 47 -18.54 0.48 -22.23
N TYR B 48 -17.54 0.80 -23.03
CA TYR B 48 -16.22 0.21 -22.93
C TYR B 48 -15.62 0.52 -21.57
N THR B 49 -15.40 -0.52 -20.78
CA THR B 49 -14.82 -0.36 -19.46
C THR B 49 -13.44 0.26 -19.56
N ALA B 50 -12.84 0.16 -20.75
CA ALA B 50 -11.52 0.71 -21.00
C ALA B 50 -11.53 2.23 -20.98
N CYS B 51 -12.59 2.82 -21.53
CA CYS B 51 -12.72 4.27 -21.59
C CYS B 51 -13.17 4.94 -20.31
N VAL B 52 -13.33 4.18 -19.24
CA VAL B 52 -13.73 4.77 -17.98
C VAL B 52 -12.54 4.73 -17.03
N TYR B 53 -11.61 3.81 -17.33
CA TYR B 53 -10.40 3.63 -16.54
C TYR B 53 -9.15 4.27 -17.18
N HIS B 54 -9.34 4.98 -18.29
CA HIS B 54 -8.23 5.64 -18.97
C HIS B 54 -8.56 7.12 -19.20
N LYS B 55 -7.53 7.95 -19.29
CA LYS B 55 -7.73 9.37 -19.51
C LYS B 55 -8.22 9.57 -20.93
N LEU B 56 -9.02 10.61 -21.16
CA LEU B 56 -9.56 10.88 -22.48
C LEU B 56 -9.23 12.29 -22.95
N PHE B 57 -9.09 12.46 -24.25
CA PHE B 57 -8.78 13.76 -24.85
C PHE B 57 -10.05 14.54 -25.14
N ASP B 58 -10.14 15.74 -24.60
CA ASP B 58 -11.31 16.60 -24.79
C ASP B 58 -10.94 17.75 -25.71
N ALA B 59 -11.33 17.66 -26.97
CA ALA B 59 -11.03 18.67 -27.98
C ALA B 59 -11.63 20.04 -27.66
N SER B 60 -12.82 20.03 -27.08
CA SER B 60 -13.51 21.28 -26.74
C SER B 60 -12.73 22.13 -25.73
N ASP B 61 -11.72 21.55 -25.11
CA ASP B 61 -10.90 22.28 -24.13
C ASP B 61 -9.52 22.64 -24.66
N SER B 62 -9.35 22.63 -25.98
CA SER B 62 -8.05 22.97 -26.58
C SER B 62 -8.22 24.08 -27.60
N SER B 63 -7.59 25.22 -27.33
CA SER B 63 -7.69 26.35 -28.24
C SER B 63 -6.76 26.18 -29.43
N SER B 64 -6.23 24.97 -29.62
CA SER B 64 -5.33 24.69 -30.74
C SER B 64 -5.83 23.51 -31.56
N TYR B 65 -7.00 22.98 -31.18
CA TYR B 65 -7.61 21.86 -31.89
C TYR B 65 -8.07 22.34 -33.25
N LYS B 66 -7.86 21.53 -34.27
CA LYS B 66 -8.26 21.86 -35.63
C LYS B 66 -8.98 20.62 -36.14
N HIS B 67 -10.31 20.67 -36.10
CA HIS B 67 -11.15 19.55 -36.52
C HIS B 67 -10.88 18.84 -37.84
N ASN B 68 -11.12 17.53 -37.80
CA ASN B 68 -10.99 16.65 -38.95
C ASN B 68 -11.84 15.47 -38.49
N GLY B 69 -12.47 14.77 -39.43
CA GLY B 69 -13.31 13.66 -39.02
C GLY B 69 -13.06 12.35 -39.72
N THR B 70 -12.04 12.32 -40.59
CA THR B 70 -11.73 11.09 -41.31
C THR B 70 -11.75 9.90 -40.36
N GLU B 71 -12.39 8.83 -40.79
CA GLU B 71 -12.50 7.62 -39.98
C GLU B 71 -11.23 6.78 -40.14
N LEU B 72 -10.96 5.90 -39.16
CA LEU B 72 -9.79 5.04 -39.22
C LEU B 72 -9.86 3.81 -38.32
N THR B 73 -9.05 2.80 -38.66
CA THR B 73 -8.99 1.56 -37.89
C THR B 73 -7.54 1.10 -37.74
N LEU B 74 -7.05 1.16 -36.51
CA LEU B 74 -5.68 0.76 -36.18
C LEU B 74 -5.67 -0.67 -35.62
N ARG B 75 -4.93 -1.55 -36.29
CA ARG B 75 -4.85 -2.96 -35.89
C ARG B 75 -3.54 -3.37 -35.21
N TYR B 76 -3.66 -4.28 -34.24
CA TYR B 76 -2.49 -4.78 -33.52
C TYR B 76 -2.57 -6.29 -33.45
N SER B 77 -1.41 -6.93 -33.44
CA SER B 77 -1.33 -8.39 -33.37
C SER B 77 -2.20 -8.85 -32.21
N THR B 78 -2.21 -8.05 -31.14
CA THR B 78 -2.99 -8.38 -29.95
C THR B 78 -4.24 -7.50 -29.76
N GLY B 79 -4.78 -6.93 -30.84
CA GLY B 79 -5.96 -6.09 -30.71
C GLY B 79 -6.38 -5.25 -31.91
N THR B 80 -7.34 -4.35 -31.69
CA THR B 80 -7.84 -3.45 -32.75
C THR B 80 -8.64 -2.25 -32.19
N VAL B 81 -8.40 -1.07 -32.77
CA VAL B 81 -9.09 0.16 -32.34
C VAL B 81 -9.59 1.01 -33.52
N SER B 82 -10.69 1.72 -33.29
CA SER B 82 -11.29 2.57 -34.31
C SER B 82 -11.55 3.98 -33.77
N GLY B 83 -11.57 4.96 -34.67
CA GLY B 83 -11.81 6.33 -34.27
C GLY B 83 -11.76 7.30 -35.44
N PHE B 84 -11.45 8.56 -35.15
CA PHE B 84 -11.36 9.57 -36.20
C PHE B 84 -10.16 10.50 -36.03
N LEU B 85 -9.67 11.04 -37.15
CA LEU B 85 -8.53 11.93 -37.18
C LEU B 85 -8.80 13.29 -36.54
N SER B 86 -7.73 13.92 -36.05
CA SER B 86 -7.80 15.24 -35.42
C SER B 86 -6.44 15.90 -35.51
N GLN B 87 -6.38 17.19 -35.22
CA GLN B 87 -5.12 17.91 -35.26
C GLN B 87 -4.95 18.82 -34.06
N ASP B 88 -3.73 18.89 -33.54
CA ASP B 88 -3.44 19.73 -32.40
C ASP B 88 -1.94 19.73 -32.17
N ILE B 89 -1.45 20.60 -31.31
CA ILE B 89 -0.01 20.61 -31.05
C ILE B 89 0.28 19.63 -29.92
N ILE B 90 1.33 18.81 -30.10
CA ILE B 90 1.73 17.83 -29.10
C ILE B 90 3.06 18.19 -28.44
N THR B 91 3.11 18.03 -27.12
CA THR B 91 4.31 18.32 -26.37
C THR B 91 5.02 17.01 -26.05
N VAL B 92 6.24 16.87 -26.55
CA VAL B 92 7.03 15.66 -26.30
C VAL B 92 8.37 16.14 -25.75
N GLY B 93 8.52 16.05 -24.43
CA GLY B 93 9.73 16.47 -23.77
C GLY B 93 10.39 17.74 -24.28
N GLY B 94 9.83 18.89 -23.93
CA GLY B 94 10.43 20.14 -24.39
C GLY B 94 10.28 20.48 -25.86
N ILE B 95 9.54 19.68 -26.61
CA ILE B 95 9.34 19.95 -28.03
C ILE B 95 7.85 19.97 -28.36
N THR B 96 7.44 20.95 -29.16
CA THR B 96 6.05 21.08 -29.58
C THR B 96 5.96 20.96 -31.09
N VAL B 97 5.01 20.16 -31.56
CA VAL B 97 4.83 19.98 -32.98
C VAL B 97 3.35 19.78 -33.32
N THR B 98 2.91 20.40 -34.41
CA THR B 98 1.53 20.28 -34.84
C THR B 98 1.39 18.90 -35.48
N GLN B 99 0.59 18.04 -34.85
CA GLN B 99 0.46 16.67 -35.32
C GLN B 99 -0.97 16.20 -35.59
N MET B 100 -1.09 15.25 -36.50
CA MET B 100 -2.38 14.67 -36.82
C MET B 100 -2.43 13.34 -36.09
N PHE B 101 -3.37 13.21 -35.16
CA PHE B 101 -3.51 11.98 -34.41
C PHE B 101 -4.95 11.51 -34.46
N GLY B 102 -5.19 10.30 -33.99
CA GLY B 102 -6.54 9.78 -34.01
C GLY B 102 -7.16 9.75 -32.63
N GLU B 103 -8.44 10.08 -32.56
CA GLU B 103 -9.18 10.04 -31.31
C GLU B 103 -9.91 8.69 -31.35
N VAL B 104 -9.68 7.87 -30.34
CA VAL B 104 -10.32 6.56 -30.30
C VAL B 104 -11.64 6.58 -29.56
N THR B 105 -12.66 5.96 -30.18
CA THR B 105 -13.99 5.87 -29.61
C THR B 105 -14.33 4.42 -29.25
N GLU B 106 -13.62 3.48 -29.87
CA GLU B 106 -13.83 2.07 -29.62
C GLU B 106 -12.57 1.41 -29.04
N MET B 107 -12.66 1.00 -27.78
CA MET B 107 -11.54 0.38 -27.07
C MET B 107 -11.98 -0.90 -26.35
N PRO B 108 -11.86 -2.05 -27.02
CA PRO B 108 -12.22 -3.36 -26.47
C PRO B 108 -11.46 -3.69 -25.19
N ALA B 109 -12.17 -4.16 -24.17
CA ALA B 109 -11.55 -4.53 -22.90
C ALA B 109 -10.31 -5.40 -23.16
N LEU B 110 -10.31 -6.11 -24.28
CA LEU B 110 -9.19 -6.94 -24.67
C LEU B 110 -8.51 -6.32 -25.88
N PRO B 111 -7.25 -5.91 -25.73
CA PRO B 111 -6.51 -6.05 -24.46
C PRO B 111 -6.37 -4.73 -23.70
N PHE B 112 -6.88 -3.66 -24.30
CA PHE B 112 -6.78 -2.34 -23.72
C PHE B 112 -7.19 -2.14 -22.27
N MET B 113 -7.66 -3.20 -21.62
CA MET B 113 -8.02 -3.09 -20.20
C MET B 113 -6.82 -3.62 -19.42
N LEU B 114 -5.84 -4.11 -20.17
CA LEU B 114 -4.58 -4.63 -19.62
C LEU B 114 -3.60 -3.48 -19.68
N ALA B 115 -3.83 -2.58 -20.63
CA ALA B 115 -2.98 -1.42 -20.84
C ALA B 115 -2.90 -0.42 -19.67
N GLU B 116 -1.70 -0.25 -19.13
CA GLU B 116 -1.46 0.69 -18.04
C GLU B 116 -1.26 2.06 -18.65
N PHE B 117 -1.10 2.10 -19.97
CA PHE B 117 -0.90 3.33 -20.70
C PHE B 117 -2.21 3.79 -21.35
N ASP B 118 -2.24 5.03 -21.81
CA ASP B 118 -3.42 5.59 -22.44
C ASP B 118 -3.37 5.44 -23.96
N GLY B 119 -2.28 5.90 -24.56
CA GLY B 119 -2.17 5.83 -26.00
C GLY B 119 -0.85 5.30 -26.54
N VAL B 120 -0.70 5.43 -27.86
CA VAL B 120 0.48 4.97 -28.57
C VAL B 120 1.05 6.08 -29.45
N VAL B 121 2.37 6.16 -29.53
CA VAL B 121 3.03 7.15 -30.37
C VAL B 121 3.91 6.38 -31.35
N GLY B 122 3.37 6.12 -32.55
CA GLY B 122 4.09 5.38 -33.57
C GLY B 122 5.39 5.98 -34.05
N MET B 123 6.48 5.23 -33.88
CA MET B 123 7.80 5.67 -34.30
C MET B 123 8.16 5.04 -35.65
N GLY B 124 7.22 4.32 -36.24
CA GLY B 124 7.46 3.68 -37.53
C GLY B 124 7.45 4.64 -38.71
N PHE B 125 7.77 4.12 -39.90
CA PHE B 125 7.83 4.91 -41.13
C PHE B 125 6.46 5.28 -41.67
N ILE B 126 6.41 6.36 -42.46
CA ILE B 126 5.17 6.83 -43.06
C ILE B 126 4.50 5.81 -43.99
N GLU B 127 5.28 4.89 -44.55
CA GLU B 127 4.71 3.88 -45.44
C GLU B 127 3.77 2.93 -44.72
N GLN B 128 3.89 2.86 -43.39
CA GLN B 128 3.03 1.98 -42.59
C GLN B 128 1.94 2.80 -41.91
N ALA B 129 2.02 4.12 -42.04
CA ALA B 129 1.02 4.97 -41.42
C ALA B 129 -0.33 4.72 -42.05
N ILE B 130 -1.34 4.51 -41.19
CA ILE B 130 -2.69 4.29 -41.67
C ILE B 130 -3.30 5.62 -42.08
N GLY B 131 -3.91 5.66 -43.26
CA GLY B 131 -4.51 6.90 -43.73
C GLY B 131 -3.45 7.91 -44.13
N ARG B 132 -2.31 7.39 -44.61
CA ARG B 132 -1.17 8.20 -45.05
C ARG B 132 -0.84 9.42 -44.19
N VAL B 133 -1.07 9.32 -42.89
CA VAL B 133 -0.79 10.43 -41.98
C VAL B 133 0.70 10.52 -41.61
N THR B 134 1.30 11.67 -41.89
CA THR B 134 2.71 11.91 -41.57
C THR B 134 3.02 11.61 -40.12
N PRO B 135 3.92 10.63 -39.87
CA PRO B 135 4.29 10.25 -38.50
C PRO B 135 4.84 11.45 -37.72
N ILE B 136 4.79 11.38 -36.40
CA ILE B 136 5.26 12.50 -35.59
C ILE B 136 6.78 12.75 -35.64
N PHE B 137 7.58 11.72 -35.87
CA PHE B 137 9.01 11.97 -35.93
C PHE B 137 9.33 12.73 -37.21
N ASP B 138 8.72 12.31 -38.32
CA ASP B 138 8.94 13.00 -39.58
C ASP B 138 8.62 14.50 -39.40
N ASN B 139 7.46 14.79 -38.81
CA ASN B 139 7.06 16.18 -38.59
C ASN B 139 8.09 16.94 -37.77
N ILE B 140 8.48 16.38 -36.63
CA ILE B 140 9.48 17.04 -35.77
C ILE B 140 10.78 17.24 -36.53
N ILE B 141 11.14 16.26 -37.36
CA ILE B 141 12.36 16.37 -38.15
C ILE B 141 12.23 17.58 -39.06
N SER B 142 11.05 17.74 -39.66
CA SER B 142 10.79 18.85 -40.56
C SER B 142 11.11 20.20 -39.95
N GLN B 143 10.96 20.35 -38.63
CA GLN B 143 11.27 21.65 -38.03
C GLN B 143 12.76 21.84 -37.81
N GLY B 144 13.53 20.87 -38.29
CA GLY B 144 14.98 20.90 -38.21
C GLY B 144 15.67 21.48 -37.00
N VAL B 145 15.47 20.88 -35.83
CA VAL B 145 16.12 21.37 -34.63
C VAL B 145 16.92 20.25 -33.96
N LEU B 146 16.62 19.01 -34.33
CA LEU B 146 17.30 17.84 -33.78
C LEU B 146 18.78 17.79 -34.21
N LYS B 147 19.67 17.46 -33.28
CA LYS B 147 21.08 17.38 -33.63
C LYS B 147 21.33 16.30 -34.70
N GLU B 148 20.69 15.15 -34.55
CA GLU B 148 20.83 14.08 -35.51
C GLU B 148 19.45 13.55 -35.86
N ASP B 149 19.35 12.93 -37.03
CA ASP B 149 18.09 12.38 -37.49
C ASP B 149 17.89 10.94 -36.99
N VAL B 150 17.91 10.76 -35.67
CA VAL B 150 17.75 9.43 -35.08
C VAL B 150 17.13 9.55 -33.69
N PHE B 151 16.73 8.41 -33.12
CA PHE B 151 16.17 8.37 -31.78
C PHE B 151 16.56 7.06 -31.10
N SER B 152 16.66 7.09 -29.77
CA SER B 152 17.09 5.92 -29.02
C SER B 152 16.19 5.46 -27.89
N PHE B 153 16.20 4.16 -27.65
CA PHE B 153 15.41 3.54 -26.59
C PHE B 153 16.25 2.90 -25.49
N TYR B 154 15.85 3.12 -24.24
CA TYR B 154 16.51 2.53 -23.09
C TYR B 154 15.43 1.97 -22.17
N TYR B 155 15.39 0.66 -22.01
CA TYR B 155 14.43 -0.01 -21.14
C TYR B 155 15.24 -0.63 -19.99
N ASN B 156 14.92 -0.19 -18.78
CA ASN B 156 15.58 -0.65 -17.57
C ASN B 156 14.92 -1.96 -17.12
N ARG B 157 15.52 -2.61 -16.13
CA ARG B 157 14.99 -3.85 -15.58
C ARG B 157 14.24 -3.43 -14.32
N ASP B 158 13.10 -4.07 -14.06
CA ASP B 158 12.29 -3.71 -12.90
C ASP B 158 12.91 -4.17 -11.58
N SER B 159 12.69 -3.39 -10.53
CA SER B 159 13.19 -3.68 -9.20
C SER B 159 12.20 -3.23 -8.13
N GLU B 160 12.16 -3.97 -7.03
CA GLU B 160 11.27 -3.63 -5.92
C GLU B 160 12.03 -2.79 -4.90
N ASN B 161 13.33 -3.04 -4.80
CA ASN B 161 14.20 -2.36 -3.86
C ASN B 161 14.66 -0.97 -4.33
N SER B 162 13.93 -0.38 -5.27
CA SER B 162 14.30 0.94 -5.77
C SER B 162 13.21 1.61 -6.60
N GLN B 163 13.24 2.94 -6.59
CA GLN B 163 12.28 3.75 -7.33
C GLN B 163 13.09 4.39 -8.46
N SER B 164 13.81 3.53 -9.18
CA SER B 164 14.67 3.97 -10.26
C SER B 164 13.98 4.35 -11.57
N LEU B 165 14.77 4.85 -12.50
CA LEU B 165 14.32 5.26 -13.81
C LEU B 165 13.72 4.05 -14.55
N GLY B 166 12.48 4.17 -15.01
CA GLY B 166 11.87 3.05 -15.72
C GLY B 166 12.46 2.81 -17.10
N GLY B 167 12.91 3.90 -17.72
CA GLY B 167 13.49 3.82 -19.04
C GLY B 167 13.57 5.21 -19.64
N GLN B 168 14.08 5.32 -20.86
CA GLN B 168 14.17 6.64 -21.49
C GLN B 168 14.28 6.64 -23.01
N ILE B 169 13.59 7.60 -23.63
CA ILE B 169 13.64 7.76 -25.08
C ILE B 169 14.30 9.09 -25.41
N VAL B 170 15.29 9.05 -26.30
CA VAL B 170 16.01 10.25 -26.70
C VAL B 170 15.74 10.53 -28.18
N LEU B 171 15.17 11.68 -28.49
CA LEU B 171 14.91 12.07 -29.88
C LEU B 171 16.07 12.96 -30.35
N GLY B 172 16.72 12.56 -31.44
CA GLY B 172 17.83 13.35 -31.97
C GLY B 172 19.21 12.92 -31.53
N GLY B 173 19.29 11.91 -30.66
CA GLY B 173 20.59 11.47 -30.20
C GLY B 173 20.53 10.24 -29.31
N SER B 174 21.57 10.05 -28.50
CA SER B 174 21.65 8.93 -27.60
C SER B 174 22.14 9.40 -26.25
N ASP B 175 21.93 8.59 -25.22
CA ASP B 175 22.40 8.95 -23.88
C ASP B 175 23.50 8.00 -23.45
N PRO B 176 24.74 8.47 -23.50
CA PRO B 176 25.95 7.70 -23.13
C PRO B 176 25.86 7.08 -21.74
N GLN B 177 25.09 7.72 -20.86
CA GLN B 177 24.93 7.22 -19.51
C GLN B 177 24.25 5.86 -19.45
N HIS B 178 23.58 5.46 -20.53
CA HIS B 178 22.88 4.18 -20.52
C HIS B 178 23.40 3.04 -21.40
N TYR B 179 24.60 3.21 -21.95
CA TYR B 179 25.19 2.14 -22.74
C TYR B 179 26.72 2.14 -22.56
N GLU B 180 27.35 1.02 -22.93
CA GLU B 180 28.80 0.89 -22.79
C GLU B 180 29.47 0.73 -24.14
N GLY B 181 30.60 1.39 -24.31
CA GLY B 181 31.32 1.28 -25.56
C GLY B 181 30.61 2.04 -26.66
N ASN B 182 30.70 1.50 -27.89
CA ASN B 182 30.08 2.11 -29.05
C ASN B 182 29.06 1.21 -29.74
N PHE B 183 28.20 1.83 -30.53
CA PHE B 183 27.20 1.09 -31.25
C PHE B 183 27.81 0.37 -32.44
N HIS B 184 27.07 -0.64 -32.90
CA HIS B 184 27.40 -1.38 -34.10
C HIS B 184 26.04 -1.42 -34.80
N TYR B 185 26.00 -1.03 -36.06
CA TYR B 185 24.73 -0.98 -36.78
C TYR B 185 24.42 -2.10 -37.77
N ILE B 186 23.13 -2.34 -37.96
CA ILE B 186 22.65 -3.32 -38.93
C ILE B 186 21.76 -2.54 -39.89
N ASN B 187 22.04 -2.61 -41.18
CA ASN B 187 21.23 -1.89 -42.17
C ASN B 187 19.87 -2.56 -42.27
N LEU B 188 18.85 -1.78 -42.65
CA LEU B 188 17.50 -2.30 -42.79
C LEU B 188 17.36 -3.01 -44.13
N ILE B 189 16.40 -3.94 -44.24
CA ILE B 189 16.18 -4.66 -45.48
C ILE B 189 15.69 -3.64 -46.50
N LYS B 190 14.81 -2.74 -46.05
CA LYS B 190 14.26 -1.70 -46.92
C LYS B 190 13.57 -0.63 -46.06
N THR B 191 13.57 0.61 -46.55
CA THR B 191 12.93 1.70 -45.83
C THR B 191 11.48 1.32 -45.59
N GLY B 192 10.82 1.99 -44.65
CA GLY B 192 9.44 1.69 -44.38
C GLY B 192 9.19 0.78 -43.20
N VAL B 193 10.17 -0.04 -42.84
CA VAL B 193 9.98 -0.95 -41.71
C VAL B 193 11.27 -1.16 -40.92
N TRP B 194 11.17 -1.03 -39.59
CA TRP B 194 12.32 -1.24 -38.71
C TRP B 194 12.55 -2.74 -38.61
N GLN B 195 12.93 -3.35 -39.73
CA GLN B 195 13.16 -4.77 -39.79
C GLN B 195 14.52 -5.03 -40.41
N ILE B 196 15.27 -5.93 -39.80
CA ILE B 196 16.60 -6.26 -40.30
C ILE B 196 16.74 -7.75 -40.57
N GLN B 197 17.79 -8.11 -41.30
CA GLN B 197 18.07 -9.49 -41.64
C GLN B 197 18.77 -10.12 -40.43
N MET B 198 18.46 -11.38 -40.15
CA MET B 198 19.08 -12.11 -39.04
C MET B 198 19.72 -13.37 -39.65
N LYS B 199 21.00 -13.59 -39.38
CA LYS B 199 21.72 -14.73 -39.93
C LYS B 199 21.68 -16.01 -39.11
N GLY B 200 20.83 -16.05 -38.08
CA GLY B 200 20.74 -17.26 -37.27
C GLY B 200 20.58 -17.07 -35.76
N VAL B 201 19.86 -18.01 -35.14
CA VAL B 201 19.64 -17.96 -33.70
C VAL B 201 20.24 -19.19 -33.02
N SER B 202 21.26 -18.97 -32.21
CA SER B 202 21.96 -20.04 -31.50
C SER B 202 21.48 -20.23 -30.07
N VAL B 203 21.32 -21.49 -29.69
CA VAL B 203 20.90 -21.82 -28.33
C VAL B 203 22.08 -22.53 -27.67
N GLY B 204 22.80 -21.79 -26.83
CA GLY B 204 23.93 -22.37 -26.15
C GLY B 204 25.15 -22.51 -27.06
N SER B 205 25.03 -23.31 -28.11
CA SER B 205 26.15 -23.52 -29.03
C SER B 205 25.69 -23.97 -30.42
N SER B 206 24.66 -24.80 -30.45
CA SER B 206 24.09 -25.32 -31.69
C SER B 206 23.18 -24.30 -32.36
N THR B 207 23.60 -23.76 -33.49
CA THR B 207 22.78 -22.79 -34.22
C THR B 207 21.64 -23.59 -34.84
N LEU B 208 20.74 -24.07 -34.00
CA LEU B 208 19.61 -24.86 -34.45
C LEU B 208 18.38 -24.07 -34.87
N LEU B 209 18.54 -22.79 -35.12
CA LEU B 209 17.40 -21.99 -35.53
C LEU B 209 17.73 -20.90 -36.53
N CYS B 210 16.82 -20.69 -37.50
CA CYS B 210 17.02 -19.66 -38.50
C CYS B 210 18.38 -19.87 -39.19
N GLU B 211 18.63 -21.11 -39.58
CA GLU B 211 19.88 -21.50 -40.23
C GLU B 211 20.11 -20.85 -41.59
N ASP B 212 19.06 -20.79 -42.41
CA ASP B 212 19.16 -20.20 -43.74
C ASP B 212 18.78 -18.72 -43.77
N GLY B 213 18.92 -18.04 -42.64
CA GLY B 213 18.58 -16.63 -42.57
C GLY B 213 17.09 -16.42 -42.33
N CYS B 214 16.76 -15.35 -41.64
CA CYS B 214 15.37 -15.02 -41.34
C CYS B 214 15.26 -13.52 -41.10
N LEU B 215 14.08 -13.06 -40.68
CA LEU B 215 13.88 -11.62 -40.46
C LEU B 215 13.62 -11.27 -39.01
N ALA B 216 14.05 -10.07 -38.62
CA ALA B 216 13.88 -9.59 -37.26
C ALA B 216 13.42 -8.14 -37.25
N LEU B 217 12.26 -7.92 -36.65
CA LEU B 217 11.64 -6.62 -36.49
C LEU B 217 12.08 -6.11 -35.11
N VAL B 218 12.71 -4.94 -35.06
CA VAL B 218 13.13 -4.40 -33.75
C VAL B 218 11.92 -3.60 -33.27
N ASP B 219 11.07 -4.23 -32.48
CA ASP B 219 9.83 -3.60 -31.99
C ASP B 219 9.85 -3.11 -30.54
N THR B 220 9.87 -1.80 -30.35
CA THR B 220 9.90 -1.22 -29.02
C THR B 220 8.53 -1.29 -28.36
N GLY B 221 7.51 -1.57 -29.17
CA GLY B 221 6.15 -1.66 -28.67
C GLY B 221 5.71 -3.07 -28.25
N ALA B 222 6.60 -4.05 -28.37
CA ALA B 222 6.28 -5.43 -27.98
C ALA B 222 7.02 -5.82 -26.69
N SER B 223 6.32 -6.55 -25.82
CA SER B 223 6.88 -6.94 -24.54
C SER B 223 8.04 -7.93 -24.61
N TYR B 224 7.94 -8.91 -25.49
CA TYR B 224 8.98 -9.92 -25.56
C TYR B 224 9.70 -10.12 -26.88
N ILE B 225 10.52 -11.17 -26.91
CA ILE B 225 11.22 -11.55 -28.12
C ILE B 225 10.27 -12.61 -28.66
N SER B 226 9.73 -12.38 -29.86
CA SER B 226 8.81 -13.36 -30.42
C SER B 226 9.36 -14.04 -31.65
N GLY B 227 8.91 -15.27 -31.85
CA GLY B 227 9.31 -16.06 -33.00
C GLY B 227 8.09 -16.85 -33.43
N SER B 228 8.07 -17.31 -34.68
CA SER B 228 6.95 -18.08 -35.20
C SER B 228 6.64 -19.22 -34.25
N THR B 229 5.40 -19.68 -34.27
CA THR B 229 4.97 -20.76 -33.40
C THR B 229 5.91 -21.96 -33.47
N SER B 230 6.28 -22.36 -34.68
CA SER B 230 7.17 -23.50 -34.82
C SER B 230 8.57 -23.19 -34.28
N SER B 231 9.10 -22.02 -34.62
CA SER B 231 10.43 -21.66 -34.13
C SER B 231 10.50 -21.76 -32.61
N ILE B 232 9.58 -21.06 -31.93
CA ILE B 232 9.52 -21.06 -30.47
C ILE B 232 9.34 -22.46 -29.88
N GLU B 233 8.61 -23.33 -30.57
CA GLU B 233 8.40 -24.70 -30.08
C GLU B 233 9.71 -25.48 -29.99
N LYS B 234 10.52 -25.37 -31.04
CA LYS B 234 11.80 -26.06 -31.10
C LYS B 234 12.73 -25.39 -30.11
N LEU B 235 12.56 -24.08 -29.95
CA LEU B 235 13.39 -23.31 -29.04
C LEU B 235 13.11 -23.74 -27.60
N MET B 236 11.82 -23.86 -27.27
CA MET B 236 11.44 -24.24 -25.92
C MET B 236 11.81 -25.68 -25.63
N GLU B 237 11.71 -26.54 -26.65
CA GLU B 237 12.06 -27.93 -26.44
C GLU B 237 13.56 -28.05 -26.18
N ALA B 238 14.33 -27.12 -26.72
CA ALA B 238 15.78 -27.13 -26.54
C ALA B 238 16.14 -26.63 -25.13
N LEU B 239 15.28 -25.78 -24.58
CA LEU B 239 15.48 -25.21 -23.25
C LEU B 239 14.93 -26.13 -22.17
N GLY B 240 14.10 -27.08 -22.56
CA GLY B 240 13.52 -28.00 -21.60
C GLY B 240 12.24 -27.42 -21.01
N ALA B 241 11.76 -26.33 -21.60
CA ALA B 241 10.55 -25.68 -21.13
C ALA B 241 9.28 -26.38 -21.64
N LYS B 242 8.22 -26.32 -20.84
CA LYS B 242 6.96 -26.94 -21.20
C LYS B 242 5.85 -25.90 -21.06
N LYS B 243 4.77 -26.10 -21.79
CA LYS B 243 3.67 -25.15 -21.73
C LYS B 243 2.64 -25.50 -20.64
N ARG B 244 2.67 -24.73 -19.55
CA ARG B 244 1.75 -24.92 -18.42
C ARG B 244 0.33 -24.95 -18.95
N LEU B 245 -0.23 -23.77 -19.20
CA LEU B 245 -1.57 -23.64 -19.74
C LEU B 245 -1.48 -22.63 -20.86
N PHE B 246 -1.10 -21.41 -20.50
CA PHE B 246 -0.99 -20.34 -21.46
C PHE B 246 0.46 -20.11 -21.87
N ASP B 247 1.37 -20.12 -20.91
CA ASP B 247 2.77 -19.85 -21.20
C ASP B 247 3.74 -21.00 -21.02
N TYR B 248 4.96 -20.77 -21.49
CA TYR B 248 6.03 -21.75 -21.36
C TYR B 248 6.69 -21.45 -20.04
N VAL B 249 6.83 -22.48 -19.22
CA VAL B 249 7.45 -22.32 -17.91
C VAL B 249 8.60 -23.30 -17.76
N VAL B 250 9.42 -23.05 -16.74
CA VAL B 250 10.57 -23.87 -16.45
C VAL B 250 10.67 -23.88 -14.90
N LYS B 251 11.27 -24.90 -14.30
CA LYS B 251 11.39 -24.91 -12.85
C LYS B 251 12.37 -23.81 -12.46
N CYS B 252 11.88 -22.82 -11.71
CA CYS B 252 12.70 -21.68 -11.30
C CYS B 252 14.13 -22.03 -10.92
N ASN B 253 14.31 -23.07 -10.11
CA ASN B 253 15.64 -23.47 -9.68
C ASN B 253 16.55 -23.85 -10.84
N GLU B 254 15.97 -24.28 -11.95
CA GLU B 254 16.78 -24.68 -13.10
C GLU B 254 17.03 -23.55 -14.09
N GLY B 255 16.44 -22.38 -13.84
CA GLY B 255 16.65 -21.25 -14.73
C GLY B 255 18.12 -21.01 -15.01
N PRO B 256 18.94 -20.89 -13.96
CA PRO B 256 20.39 -20.66 -14.03
C PRO B 256 21.19 -21.77 -14.73
N THR B 257 20.51 -22.81 -15.18
CA THR B 257 21.21 -23.90 -15.87
C THR B 257 20.93 -23.80 -17.36
N LEU B 258 20.09 -22.85 -17.75
CA LEU B 258 19.76 -22.68 -19.15
C LEU B 258 20.86 -21.96 -19.92
N PRO B 259 21.12 -22.42 -21.16
CA PRO B 259 22.14 -21.88 -22.06
C PRO B 259 21.78 -20.51 -22.59
N ASP B 260 22.81 -19.73 -22.89
CA ASP B 260 22.63 -18.40 -23.43
C ASP B 260 21.95 -18.59 -24.77
N ILE B 261 21.27 -17.55 -25.24
CA ILE B 261 20.62 -17.59 -26.54
C ILE B 261 21.26 -16.43 -27.28
N SER B 262 21.69 -16.69 -28.51
CA SER B 262 22.35 -15.65 -29.29
C SER B 262 21.68 -15.32 -30.61
N PHE B 263 21.60 -14.04 -30.92
CA PHE B 263 21.00 -13.60 -32.18
C PHE B 263 22.10 -13.02 -33.06
N HIS B 264 22.34 -13.63 -34.21
CA HIS B 264 23.37 -13.15 -35.12
C HIS B 264 22.83 -12.05 -36.04
N LEU B 265 23.20 -10.81 -35.73
CA LEU B 265 22.76 -9.66 -36.49
C LEU B 265 23.94 -8.86 -37.02
N GLY B 266 23.94 -8.60 -38.32
CA GLY B 266 25.00 -7.82 -38.93
C GLY B 266 26.41 -8.27 -38.56
N GLY B 267 26.65 -9.57 -38.66
CA GLY B 267 27.97 -10.08 -38.35
C GLY B 267 28.36 -10.15 -36.89
N LYS B 268 27.54 -9.62 -35.98
CA LYS B 268 27.85 -9.69 -34.55
C LYS B 268 26.86 -10.60 -33.83
N GLU B 269 27.28 -11.14 -32.68
CA GLU B 269 26.43 -12.03 -31.92
C GLU B 269 25.88 -11.36 -30.66
N TYR B 270 24.56 -11.13 -30.63
CA TYR B 270 23.94 -10.52 -29.46
C TYR B 270 23.45 -11.65 -28.58
N THR B 271 23.94 -11.67 -27.34
CA THR B 271 23.63 -12.74 -26.41
C THR B 271 22.87 -12.36 -25.14
N LEU B 272 21.90 -13.20 -24.79
CA LEU B 272 21.12 -13.01 -23.56
C LEU B 272 21.36 -14.27 -22.73
N THR B 273 21.68 -14.10 -21.46
CA THR B 273 21.90 -15.23 -20.56
C THR B 273 20.54 -15.58 -19.97
N SER B 274 20.45 -16.73 -19.33
CA SER B 274 19.18 -17.18 -18.75
C SER B 274 18.57 -16.09 -17.88
N ALA B 275 19.43 -15.31 -17.25
CA ALA B 275 18.95 -14.24 -16.38
C ALA B 275 18.27 -13.14 -17.20
N ASP B 276 18.66 -13.02 -18.47
CA ASP B 276 18.10 -12.00 -19.33
C ASP B 276 16.74 -12.37 -19.94
N TYR B 277 16.47 -13.67 -20.07
CA TYR B 277 15.20 -14.08 -20.67
C TYR B 277 14.22 -14.85 -19.79
N VAL B 278 14.62 -15.14 -18.56
CA VAL B 278 13.75 -15.85 -17.63
C VAL B 278 13.27 -14.90 -16.52
N PHE B 279 11.99 -14.96 -16.20
CA PHE B 279 11.44 -14.13 -15.12
C PHE B 279 11.67 -14.94 -13.84
N GLN B 280 12.81 -14.72 -13.19
CA GLN B 280 13.16 -15.44 -11.96
C GLN B 280 12.47 -14.85 -10.73
N GLU B 281 11.16 -15.01 -10.66
CA GLU B 281 10.37 -14.51 -9.52
C GLU B 281 10.68 -15.25 -8.23
N SER B 282 11.67 -16.15 -8.30
CA SER B 282 12.14 -16.98 -7.18
C SER B 282 13.10 -18.00 -7.75
N TYR B 283 13.76 -18.77 -6.89
CA TYR B 283 14.70 -19.78 -7.37
C TYR B 283 14.41 -21.15 -6.77
N SER B 284 13.29 -21.26 -6.06
CA SER B 284 12.92 -22.51 -5.43
C SER B 284 12.65 -23.65 -6.41
N SER B 285 12.81 -24.86 -5.92
CA SER B 285 12.58 -26.06 -6.70
C SER B 285 11.10 -26.41 -6.58
N LYS B 286 10.40 -25.68 -5.72
CA LYS B 286 8.98 -25.89 -5.46
C LYS B 286 8.08 -25.03 -6.36
N LYS B 287 8.67 -24.20 -7.22
CA LYS B 287 7.87 -23.33 -8.07
C LYS B 287 8.27 -23.19 -9.54
N LEU B 288 7.30 -22.78 -10.35
CA LEU B 288 7.49 -22.58 -11.78
C LEU B 288 7.85 -21.13 -12.11
N CYS B 289 8.50 -20.93 -13.26
CA CYS B 289 8.90 -19.59 -13.70
C CYS B 289 8.61 -19.38 -15.20
N THR B 290 8.16 -18.17 -15.54
CA THR B 290 7.85 -17.81 -16.91
C THR B 290 9.03 -17.23 -17.67
N LEU B 291 9.02 -17.39 -18.99
CA LEU B 291 10.09 -16.86 -19.84
C LEU B 291 9.61 -15.59 -20.55
N ALA B 292 10.55 -14.76 -21.01
CA ALA B 292 10.18 -13.54 -21.70
C ALA B 292 10.32 -13.67 -23.21
N ILE B 293 10.00 -14.86 -23.70
CA ILE B 293 10.04 -15.16 -25.13
C ILE B 293 8.70 -15.83 -25.42
N HIS B 294 8.01 -15.35 -26.45
CA HIS B 294 6.70 -15.91 -26.79
C HIS B 294 6.60 -16.20 -28.28
N ALA B 295 5.60 -17.00 -28.64
CA ALA B 295 5.37 -17.34 -30.03
C ALA B 295 4.47 -16.24 -30.59
N MET B 296 4.83 -15.70 -31.74
CA MET B 296 4.01 -14.65 -32.35
C MET B 296 4.05 -14.78 -33.87
N ASP B 297 2.98 -15.30 -34.43
CA ASP B 297 2.90 -15.45 -35.88
C ASP B 297 2.43 -14.13 -36.47
N ILE B 298 3.37 -13.35 -36.97
CA ILE B 298 3.04 -12.07 -37.57
C ILE B 298 2.69 -12.30 -39.04
N PRO B 299 1.53 -11.80 -39.48
CA PRO B 299 1.10 -11.95 -40.86
C PRO B 299 1.79 -11.02 -41.85
N PRO B 300 1.85 -11.41 -43.13
CA PRO B 300 2.48 -10.62 -44.20
C PRO B 300 1.69 -9.32 -44.38
N PRO B 301 2.29 -8.33 -45.07
CA PRO B 301 3.62 -8.39 -45.66
C PRO B 301 4.77 -8.31 -44.65
N THR B 302 4.51 -7.72 -43.49
CA THR B 302 5.55 -7.57 -42.47
C THR B 302 6.15 -8.89 -42.01
N GLY B 303 5.29 -9.87 -41.73
CA GLY B 303 5.75 -11.18 -41.29
C GLY B 303 5.68 -12.25 -42.37
N PRO B 304 5.96 -13.52 -42.03
CA PRO B 304 6.36 -13.96 -40.68
C PRO B 304 7.79 -13.55 -40.37
N THR B 305 8.02 -13.02 -39.17
CA THR B 305 9.34 -12.59 -38.76
C THR B 305 9.44 -12.60 -37.26
N TRP B 306 10.69 -12.59 -36.79
CA TRP B 306 10.92 -12.54 -35.36
C TRP B 306 10.69 -11.09 -34.93
N ALA B 307 10.46 -10.92 -33.63
CA ALA B 307 10.27 -9.58 -33.11
C ALA B 307 11.19 -9.44 -31.90
N LEU B 308 11.95 -8.36 -31.87
CA LEU B 308 12.85 -8.09 -30.76
C LEU B 308 12.22 -6.96 -29.95
N GLY B 309 11.48 -7.34 -28.92
CA GLY B 309 10.82 -6.37 -28.07
C GLY B 309 11.61 -5.95 -26.85
N ALA B 310 10.90 -5.61 -25.78
CA ALA B 310 11.50 -5.16 -24.53
C ALA B 310 12.62 -6.10 -24.05
N THR B 311 12.35 -7.40 -24.04
CA THR B 311 13.36 -8.38 -23.61
C THR B 311 14.75 -8.11 -24.22
N PHE B 312 14.78 -7.83 -25.51
CA PHE B 312 16.02 -7.57 -26.22
C PHE B 312 16.58 -6.19 -25.94
N ILE B 313 15.71 -5.20 -25.92
CA ILE B 313 16.15 -3.83 -25.71
C ILE B 313 16.68 -3.61 -24.30
N ARG B 314 16.19 -4.42 -23.37
CA ARG B 314 16.60 -4.34 -21.98
C ARG B 314 18.08 -4.65 -21.88
N LYS B 315 18.52 -5.60 -22.69
CA LYS B 315 19.92 -6.01 -22.71
C LYS B 315 20.74 -5.08 -23.61
N PHE B 316 20.16 -4.67 -24.72
CA PHE B 316 20.88 -3.78 -25.65
C PHE B 316 20.21 -2.43 -25.94
N TYR B 317 20.89 -1.35 -25.54
CA TYR B 317 20.42 0.01 -25.81
C TYR B 317 20.27 0.07 -27.35
N THR B 318 19.18 0.62 -27.84
CA THR B 318 18.93 0.68 -29.28
C THR B 318 18.80 2.09 -29.86
N GLU B 319 19.45 2.32 -31.00
CA GLU B 319 19.35 3.62 -31.66
C GLU B 319 18.79 3.47 -33.07
N PHE B 320 17.63 4.09 -33.32
CA PHE B 320 17.00 4.01 -34.64
C PHE B 320 17.44 5.18 -35.50
N ASP B 321 18.19 4.86 -36.54
CA ASP B 321 18.77 5.86 -37.44
C ASP B 321 18.00 6.04 -38.75
N ARG B 322 17.22 7.11 -38.82
CA ARG B 322 16.43 7.43 -40.01
C ARG B 322 17.28 7.87 -41.22
N ARG B 323 18.33 8.64 -40.95
CA ARG B 323 19.22 9.13 -41.98
C ARG B 323 19.88 8.03 -42.80
N ASN B 324 20.30 6.97 -42.12
CA ASN B 324 20.99 5.86 -42.77
C ASN B 324 20.22 4.52 -42.84
N ASN B 325 18.93 4.54 -42.53
CA ASN B 325 18.12 3.32 -42.54
C ASN B 325 18.84 2.14 -41.88
N ARG B 326 19.31 2.36 -40.66
CA ARG B 326 20.02 1.33 -39.91
C ARG B 326 19.59 1.35 -38.44
N ILE B 327 19.98 0.31 -37.71
CA ILE B 327 19.66 0.20 -36.28
C ILE B 327 20.95 -0.12 -35.52
N GLY B 328 21.26 0.68 -34.51
CA GLY B 328 22.47 0.44 -33.73
C GLY B 328 22.20 -0.16 -32.36
N PHE B 329 23.11 -1.04 -31.94
CA PHE B 329 22.99 -1.69 -30.63
C PHE B 329 24.28 -1.48 -29.84
N ALA B 330 24.14 -1.52 -28.52
CA ALA B 330 25.27 -1.37 -27.62
C ALA B 330 24.78 -1.85 -26.26
N LEU B 331 25.67 -2.53 -25.54
CA LEU B 331 25.33 -3.09 -24.24
C LEU B 331 24.79 -2.01 -23.30
N ALA B 332 23.55 -2.17 -22.84
CA ALA B 332 22.93 -1.20 -21.94
C ALA B 332 23.47 -1.31 -20.52
N ARG B 333 23.32 -0.24 -19.74
CA ARG B 333 23.79 -0.21 -18.36
C ARG B 333 22.97 0.76 -17.50
C1 NAG C . -3.45 23.90 43.15
C2 NAG C . -3.12 24.98 44.19
C3 NAG C . -3.09 24.36 45.60
C4 NAG C . -4.44 23.67 45.87
C5 NAG C . -4.69 22.62 44.78
C6 NAG C . -6.03 21.92 44.94
C7 NAG C . -1.78 26.91 43.65
C8 NAG C . -0.54 27.64 44.13
N2 NAG C . -1.85 25.60 43.89
O3 NAG C . -2.88 25.39 46.56
O4 NAG C . -4.43 23.04 47.15
O5 NAG C . -4.69 23.26 43.47
O6 NAG C . -6.73 22.38 46.09
O7 NAG C . -2.67 27.54 43.08
C1 6IG D . -1.29 2.45 29.50
N1 6IG D . -2.03 2.13 30.59
C2 6IG D . -2.96 3.00 30.97
N2 6IG D . -3.21 4.15 30.37
C3 6IG D . -2.49 4.50 29.27
C4 6IG D . -1.47 3.64 28.76
N3 6IG D . -0.34 1.51 29.15
N4 6IG D . -3.69 2.65 32.04
C5 6IG D . -2.87 5.83 28.66
C6 6IG D . -4.10 5.72 27.78
C7 6IG D . 0.52 4.70 27.53
C8 6IG D . 1.19 4.97 26.30
C9 6IG D . 0.68 4.50 25.06
C10 6IG D . -0.54 3.74 25.05
C11 6IG D . -1.17 3.50 26.29
C12 6IG D . -0.67 3.96 27.53
C13 6IG D . 1.44 4.80 23.77
C14 6IG D . 0.53 4.75 22.52
C15 6IG D . -0.41 3.51 22.52
N5 6IG D . -1.08 3.25 23.82
C16 6IG D . -2.29 2.39 23.77
C17 6IG D . -3.64 3.15 23.84
C18 6IG D . -4.76 2.22 24.33
O1 6IG D . -6.01 2.63 23.82
C19 6IG D . -7.10 1.82 24.23
C20 6IG D . -0.22 0.27 29.94
C21 6IG D . -0.93 -0.91 29.30
C22 6IG D . 0.52 -1.97 25.32
C23 6IG D . 0.90 -2.73 26.46
C24 6IG D . 0.42 -2.37 27.74
C25 6IG D . -0.45 -1.25 27.91
C26 6IG D . -0.82 -0.49 26.74
C27 6IG D . -0.33 -0.86 25.46
C1 NAG E . -8.43 15.36 -42.68
C2 NAG E . -8.99 16.22 -43.82
C3 NAG E . -8.64 15.63 -45.20
C4 NAG E . -7.15 15.30 -45.29
C5 NAG E . -6.75 14.42 -44.12
C6 NAG E . -5.27 14.09 -44.12
C7 NAG E . -10.99 17.32 -43.04
C8 NAG E . -11.99 16.94 -41.95
N2 NAG E . -10.43 16.31 -43.72
O3 NAG E . -8.99 16.56 -46.22
O4 NAG E . -6.87 14.63 -46.51
O5 NAG E . -7.03 15.10 -42.88
O6 NAG E . -4.64 14.59 -45.30
O7 NAG E . -10.74 18.50 -43.25
C1 6IG F . 1.61 -4.36 -29.92
N1 6IG F . 2.45 -4.19 -30.98
C2 6IG F . 2.79 -2.95 -31.30
N2 6IG F . 2.35 -1.87 -30.66
C3 6IG F . 1.51 -2.00 -29.59
C4 6IG F . 1.09 -3.28 -29.16
N3 6IG F . 1.28 -5.67 -29.62
N4 6IG F . 3.64 -2.81 -32.32
C5 6IG F . 1.09 -0.71 -28.94
C6 6IG F . 2.23 -0.16 -28.09
C7 6IG F . -1.22 -3.53 -28.01
C8 6IG F . -1.96 -3.80 -26.82
C9 6IG F . -1.31 -4.05 -25.57
C10 6IG F . 0.12 -4.03 -25.52
C11 6IG F . 0.82 -3.77 -26.74
C12 6IG F . 0.19 -3.52 -27.97
C13 6IG F . -2.13 -4.33 -24.32
C14 6IG F . -1.36 -4.05 -23.00
C15 6IG F . 0.09 -4.57 -23.03
N5 6IG F . 0.81 -4.28 -24.30
C16 6IG F . 2.30 -4.28 -24.21
C17 6IG F . 2.93 -2.87 -24.06
C18 6IG F . 4.45 -2.93 -24.30
O1 6IG F . 5.06 -1.70 -24.03
C19 6IG F . 6.46 -1.71 -24.23
C20 6IG F . 1.75 -6.77 -30.46
C21 6IG F . 3.06 -7.39 -29.97
C22 6IG F . 2.95 -8.88 -25.87
C23 6IG F . 2.83 -9.77 -26.97
C24 6IG F . 2.86 -9.26 -28.29
C25 6IG F . 3.03 -7.87 -28.54
C26 6IG F . 3.14 -6.99 -27.42
C27 6IG F . 3.10 -7.49 -26.09
#